data_2PFM
#
_entry.id   2PFM
#
_cell.length_a   154.381
_cell.length_b   154.381
_cell.length_c   174.989
_cell.angle_alpha   90.00
_cell.angle_beta   90.00
_cell.angle_gamma   120.00
#
_symmetry.space_group_name_H-M   'P 61 2 2'
#
loop_
_entity.id
_entity.type
_entity.pdbx_description
1 polymer 'Adenylosuccinate lyase'
2 non-polymer 'MALONATE ION'
3 water water
#
_entity_poly.entity_id   1
_entity_poly.type   'polypeptide(L)'
_entity_poly.pdbx_seq_one_letter_code
;GSSHHHHHHMISRYTRPEMGAIWTEENKFKAWLEVEILACEAWAELGDIPKEDVKKIREHASFDIDRIYEIEKETRHDVV
AFTRAVSETPALGEERKWVHYGLTSTDVVDTALSYILKQANEIILKDLENFVSILANKAKEHKYTIMMGRTHGVHAEPTT
FGLKLGLWYEEMKRNVERFKQAANTVRVGKLSGAVGTYANIDPFVEKYVCENLGLEAAPISTQTLQRDRHAHYMSTLALI
ATSIEKMAVEIRGLQKSETREVEEAFAKGQKGSSAMPHKRNPIGSENMTGLARVIRGYMMTAYENVPLWHERDISHSSAE
RVILPDATIALNYMLNRFGNIVKNLTVYPENMKRNMTRTYGLIYSQRVMLTLIDKGMVREEAYDIVQPKAMEAWETQVQF
KELVEADERITSKLTQEEINECFNYEHHMQHVDTIFERLGLNEA
;
_entity_poly.pdbx_strand_id   A,B
#
loop_
_chem_comp.id
_chem_comp.type
_chem_comp.name
_chem_comp.formula
MLI non-polymer 'MALONATE ION' 'C3 H2 O4 -2'
#
# COMPACT_ATOMS: atom_id res chain seq x y z
N ILE A 11 8.19 2.02 21.91
CA ILE A 11 8.86 1.39 23.09
C ILE A 11 8.47 2.11 24.37
N SER A 12 8.33 1.43 25.50
CA SER A 12 8.90 0.09 25.79
C SER A 12 7.94 -0.96 26.41
N ARG A 13 6.81 -0.54 26.98
CA ARG A 13 5.75 -1.49 27.36
C ARG A 13 5.04 -2.07 26.12
N TYR A 14 5.29 -1.48 24.96
CA TYR A 14 4.74 -2.00 23.70
C TYR A 14 5.78 -2.75 22.87
N THR A 15 6.88 -3.16 23.49
CA THR A 15 7.91 -3.92 22.75
C THR A 15 8.14 -5.31 23.36
N ARG A 16 7.88 -6.34 22.55
CA ARG A 16 8.21 -7.72 22.91
C ARG A 16 9.70 -8.00 22.61
N PRO A 17 10.34 -8.92 23.37
CA PRO A 17 11.81 -9.13 23.26
C PRO A 17 12.35 -9.58 21.90
N GLU A 18 11.61 -10.46 21.24
CA GLU A 18 12.00 -10.93 19.91
C GLU A 18 12.26 -9.70 19.00
N MET A 19 11.31 -8.79 18.87
CA MET A 19 11.45 -7.71 17.90
C MET A 19 12.42 -6.57 18.32
N GLY A 20 12.43 -6.23 19.59
CA GLY A 20 13.33 -5.23 20.14
C GLY A 20 14.79 -5.58 19.88
N ALA A 21 15.14 -6.82 20.13
CA ALA A 21 16.50 -7.31 19.90
C ALA A 21 17.05 -7.07 18.46
N ILE A 22 16.23 -7.17 17.44
CA ILE A 22 16.82 -6.98 16.11
C ILE A 22 17.21 -5.54 15.81
N TRP A 23 16.60 -4.59 16.52
CA TRP A 23 16.83 -3.18 16.25
C TRP A 23 17.89 -2.50 17.15
N THR A 24 18.63 -3.26 17.94
CA THR A 24 19.71 -2.70 18.76
C THR A 24 20.87 -2.22 17.88
N GLU A 25 21.61 -1.27 18.41
CA GLU A 25 22.82 -0.74 17.79
C GLU A 25 23.84 -1.86 17.56
N GLU A 26 23.95 -2.71 18.58
CA GLU A 26 24.85 -3.84 18.52
C GLU A 26 24.53 -4.70 17.33
N ASN A 27 23.24 -5.02 17.17
CA ASN A 27 22.80 -5.85 16.08
C ASN A 27 23.02 -5.15 14.74
N LYS A 28 22.78 -3.84 14.68
CA LYS A 28 23.04 -3.06 13.47
C LYS A 28 24.54 -3.14 13.05
N PHE A 29 25.44 -2.81 13.98
CA PHE A 29 26.87 -2.81 13.70
C PHE A 29 27.41 -4.21 13.33
N LYS A 30 26.79 -5.24 13.89
CA LYS A 30 27.11 -6.60 13.51
C LYS A 30 26.75 -6.86 12.05
N ALA A 31 25.60 -6.36 11.62
CA ALA A 31 25.17 -6.50 10.24
C ALA A 31 26.12 -5.73 9.30
N TRP A 32 26.52 -4.53 9.71
CA TRP A 32 27.50 -3.75 8.93
C TRP A 32 28.79 -4.51 8.74
N LEU A 33 29.30 -5.09 9.83
CA LEU A 33 30.53 -5.89 9.78
C LEU A 33 30.36 -7.07 8.82
N GLU A 34 29.22 -7.73 8.87
CA GLU A 34 29.02 -8.89 7.97
C GLU A 34 28.98 -8.48 6.48
N VAL A 35 28.29 -7.40 6.17
CA VAL A 35 28.31 -6.83 4.81
C VAL A 35 29.76 -6.59 4.38
N GLU A 36 30.55 -5.91 5.22
CA GLU A 36 31.94 -5.57 4.88
C GLU A 36 32.79 -6.81 4.60
N ILE A 37 32.67 -7.83 5.44
CA ILE A 37 33.47 -9.01 5.30
C ILE A 37 33.04 -9.77 4.07
N LEU A 38 31.73 -9.87 3.85
CA LEU A 38 31.28 -10.55 2.63
C LEU A 38 31.79 -9.87 1.37
N ALA A 39 31.80 -8.55 1.38
CA ALA A 39 32.29 -7.76 0.26
C ALA A 39 33.78 -8.09 -0.04
N CYS A 40 34.62 -8.16 0.99
CA CYS A 40 36.03 -8.54 0.78
C CYS A 40 36.14 -9.99 0.28
N GLU A 41 35.35 -10.89 0.85
CA GLU A 41 35.29 -12.26 0.35
C GLU A 41 34.86 -12.35 -1.15
N ALA A 42 33.90 -11.54 -1.57
CA ALA A 42 33.57 -11.45 -2.99
C ALA A 42 34.78 -11.01 -3.83
N TRP A 43 35.43 -9.91 -3.46
CA TRP A 43 36.58 -9.43 -4.21
C TRP A 43 37.68 -10.49 -4.31
N ALA A 44 37.90 -11.25 -3.23
CA ALA A 44 38.85 -12.32 -3.24
C ALA A 44 38.41 -13.44 -4.19
N GLU A 45 37.12 -13.71 -4.30
CA GLU A 45 36.67 -14.71 -5.29
C GLU A 45 37.03 -14.27 -6.71
N LEU A 46 36.93 -12.97 -6.96
CA LEU A 46 37.30 -12.35 -8.24
C LEU A 46 38.80 -12.36 -8.50
N GLY A 47 39.57 -12.55 -7.43
CA GLY A 47 41.03 -12.56 -7.50
C GLY A 47 41.61 -11.17 -7.33
N ASP A 48 40.76 -10.21 -6.99
CA ASP A 48 41.22 -8.81 -6.92
C ASP A 48 41.95 -8.46 -5.64
N ILE A 49 41.65 -9.19 -4.57
CA ILE A 49 42.42 -9.03 -3.33
C ILE A 49 42.81 -10.45 -2.86
N PRO A 50 43.95 -10.57 -2.17
CA PRO A 50 44.46 -11.93 -1.84
C PRO A 50 43.58 -12.70 -0.87
N LYS A 51 43.45 -14.00 -1.11
CA LYS A 51 42.69 -14.90 -0.21
C LYS A 51 43.19 -14.86 1.23
N GLU A 52 44.51 -14.78 1.39
CA GLU A 52 45.10 -14.74 2.71
C GLU A 52 44.73 -13.49 3.47
N ASP A 53 44.68 -12.35 2.79
CA ASP A 53 44.27 -11.10 3.41
C ASP A 53 42.85 -11.21 3.97
N VAL A 54 41.93 -11.72 3.15
CA VAL A 54 40.51 -11.75 3.53
C VAL A 54 40.25 -12.82 4.57
N LYS A 55 41.01 -13.90 4.53
CA LYS A 55 40.92 -14.94 5.58
C LYS A 55 41.12 -14.31 6.96
N LYS A 56 42.15 -13.47 7.04
CA LYS A 56 42.45 -12.70 8.24
C LYS A 56 41.32 -11.75 8.61
N ILE A 57 40.74 -11.08 7.61
CA ILE A 57 39.61 -10.16 7.85
C ILE A 57 38.43 -10.96 8.39
N ARG A 58 38.07 -12.06 7.75
CA ARG A 58 37.00 -12.92 8.26
C ARG A 58 37.29 -13.40 9.71
N GLU A 59 38.53 -13.80 9.98
CA GLU A 59 38.90 -14.31 11.31
C GLU A 59 38.95 -13.26 12.40
N HIS A 60 39.51 -12.09 12.12
CA HIS A 60 39.90 -11.15 13.19
C HIS A 60 39.13 -9.82 13.25
N ALA A 61 38.48 -9.43 12.15
CA ALA A 61 37.79 -8.15 12.07
C ALA A 61 36.70 -8.08 13.15
N SER A 62 36.67 -6.97 13.88
CA SER A 62 35.62 -6.71 14.87
C SER A 62 35.46 -5.20 15.08
N PHE A 63 34.72 -4.83 16.11
CA PHE A 63 34.51 -3.44 16.50
C PHE A 63 34.22 -3.32 18.01
N ASP A 64 34.57 -2.18 18.59
CA ASP A 64 34.10 -1.78 19.91
C ASP A 64 33.15 -0.59 19.76
N ILE A 65 31.91 -0.75 20.20
CA ILE A 65 30.86 0.25 19.98
C ILE A 65 31.22 1.58 20.62
N ASP A 66 31.70 1.55 21.84
CA ASP A 66 32.09 2.81 22.51
C ASP A 66 33.13 3.61 21.70
N ARG A 67 34.05 2.90 21.05
CA ARG A 67 35.03 3.53 20.14
C ARG A 67 34.37 4.10 18.87
N ILE A 68 33.42 3.35 18.30
CA ILE A 68 32.65 3.84 17.16
C ILE A 68 32.09 5.21 17.52
N TYR A 69 31.39 5.28 18.66
CA TYR A 69 30.81 6.54 19.12
C TYR A 69 31.86 7.62 19.39
N GLU A 70 33.00 7.26 19.99
CA GLU A 70 34.05 8.25 20.21
C GLU A 70 34.52 8.83 18.89
N ILE A 71 34.87 7.95 17.94
CA ILE A 71 35.34 8.40 16.61
C ILE A 71 34.29 9.26 15.89
N GLU A 72 33.03 8.85 15.99
CA GLU A 72 31.93 9.61 15.40
C GLU A 72 31.84 11.05 15.94
N LYS A 73 32.24 11.28 17.19
CA LYS A 73 32.30 12.65 17.72
C LYS A 73 33.17 13.61 16.88
N GLU A 74 34.26 13.08 16.33
CA GLU A 74 35.13 13.85 15.45
C GLU A 74 34.61 13.87 14.03
N THR A 75 34.35 12.68 13.48
CA THR A 75 34.11 12.53 12.05
C THR A 75 32.75 13.10 11.66
N ARG A 76 31.82 13.09 12.62
CA ARG A 76 30.42 13.38 12.32
C ARG A 76 29.89 12.46 11.23
N HIS A 77 30.35 11.22 11.22
CA HIS A 77 30.03 10.28 10.17
C HIS A 77 30.06 8.86 10.69
N ASP A 78 28.86 8.28 10.81
N ASP A 78 28.90 8.22 10.76
CA ASP A 78 28.61 6.90 11.27
CA ASP A 78 28.77 6.92 11.41
C ASP A 78 29.53 5.86 10.68
C ASP A 78 29.48 5.77 10.69
N VAL A 79 29.44 5.72 9.35
CA VAL A 79 30.10 4.62 8.65
C VAL A 79 31.61 4.72 8.67
N VAL A 80 32.12 5.93 8.48
CA VAL A 80 33.57 6.17 8.67
C VAL A 80 33.95 5.82 10.09
N ALA A 81 33.16 6.22 11.08
CA ALA A 81 33.50 5.88 12.45
C ALA A 81 33.56 4.38 12.59
N PHE A 82 32.59 3.69 11.99
CA PHE A 82 32.55 2.24 12.09
C PHE A 82 33.80 1.60 11.45
N THR A 83 34.11 1.93 10.21
CA THR A 83 35.27 1.31 9.57
C THR A 83 36.59 1.69 10.27
N ARG A 84 36.73 2.92 10.72
CA ARG A 84 37.94 3.28 11.47
C ARG A 84 38.03 2.52 12.79
N ALA A 85 36.89 2.31 13.45
CA ALA A 85 36.88 1.49 14.66
C ALA A 85 37.30 0.05 14.32
N VAL A 86 36.81 -0.48 13.19
CA VAL A 86 37.14 -1.86 12.80
C VAL A 86 38.65 -1.97 12.61
N SER A 87 39.25 -0.97 11.96
CA SER A 87 40.68 -0.91 11.70
C SER A 87 41.53 -1.06 12.97
N GLU A 88 41.02 -0.56 14.09
CA GLU A 88 41.74 -0.63 15.38
C GLU A 88 41.53 -1.93 16.15
N THR A 89 40.86 -2.90 15.57
CA THR A 89 40.72 -4.18 16.19
C THR A 89 42.07 -4.74 16.49
N PRO A 90 42.29 -5.07 17.74
CA PRO A 90 43.44 -5.87 18.11
C PRO A 90 43.39 -7.15 17.32
N ALA A 91 44.34 -7.36 16.44
CA ALA A 91 44.42 -8.60 15.73
C ALA A 91 44.25 -8.46 14.25
N LEU A 92 43.69 -7.35 13.79
CA LEU A 92 43.86 -7.05 12.35
C LEU A 92 45.18 -6.33 12.07
N GLY A 93 45.86 -6.71 10.98
CA GLY A 93 47.05 -6.02 10.52
C GLY A 93 46.77 -5.20 9.26
N GLU A 94 47.71 -5.21 8.32
CA GLU A 94 47.63 -4.42 7.09
C GLU A 94 46.38 -4.68 6.25
N GLU A 95 45.89 -5.92 6.30
CA GLU A 95 44.74 -6.35 5.52
C GLU A 95 43.50 -5.45 5.72
N ARG A 96 43.45 -4.74 6.84
CA ARG A 96 42.44 -3.72 7.14
C ARG A 96 42.23 -2.75 5.97
N LYS A 97 43.29 -2.58 5.19
CA LYS A 97 43.32 -1.91 3.90
C LYS A 97 42.08 -2.09 3.03
N TRP A 98 41.58 -3.31 3.02
CA TRP A 98 40.55 -3.72 2.07
C TRP A 98 39.13 -3.53 2.60
N VAL A 99 38.97 -3.29 3.90
CA VAL A 99 37.63 -3.00 4.47
C VAL A 99 37.03 -1.75 3.81
N HIS A 100 35.83 -1.93 3.24
CA HIS A 100 35.10 -0.87 2.53
C HIS A 100 35.64 -0.55 1.14
N TYR A 101 36.52 -1.41 0.65
CA TYR A 101 37.12 -1.19 -0.63
C TYR A 101 36.10 -1.21 -1.74
N GLY A 102 35.99 -0.08 -2.43
CA GLY A 102 35.01 0.07 -3.49
C GLY A 102 33.62 0.45 -3.01
N LEU A 103 33.37 0.43 -1.70
CA LEU A 103 32.02 0.66 -1.20
C LEU A 103 31.77 2.12 -0.95
N THR A 104 30.51 2.48 -1.06
CA THR A 104 29.99 3.75 -0.55
C THR A 104 29.22 3.44 0.78
N SER A 105 28.91 4.48 1.53
CA SER A 105 28.35 4.32 2.86
C SER A 105 27.11 3.44 2.83
N THR A 106 26.22 3.69 1.87
CA THR A 106 24.87 3.14 1.92
C THR A 106 24.81 1.77 1.26
N ASP A 107 25.87 1.42 0.53
CA ASP A 107 26.16 0.02 0.21
C ASP A 107 26.09 -0.85 1.46
N VAL A 108 26.73 -0.39 2.53
CA VAL A 108 26.64 -1.06 3.83
C VAL A 108 25.31 -0.80 4.52
N VAL A 109 24.94 0.47 4.67
CA VAL A 109 23.78 0.84 5.48
C VAL A 109 22.47 0.24 4.96
N ASP A 110 22.22 0.37 3.64
CA ASP A 110 20.97 -0.09 3.04
C ASP A 110 20.87 -1.60 3.00
N THR A 111 21.96 -2.26 2.67
CA THR A 111 22.00 -3.72 2.60
C THR A 111 21.78 -4.29 4.01
N ALA A 112 22.49 -3.74 5.01
CA ALA A 112 22.33 -4.12 6.41
C ALA A 112 20.90 -3.84 6.88
N LEU A 113 20.33 -2.71 6.48
CA LEU A 113 18.97 -2.35 6.87
C LEU A 113 17.97 -3.34 6.28
N SER A 114 18.16 -3.70 5.02
CA SER A 114 17.30 -4.70 4.40
C SER A 114 17.42 -6.06 5.07
N TYR A 115 18.64 -6.42 5.45
CA TYR A 115 18.87 -7.66 6.19
C TYR A 115 18.12 -7.67 7.54
N ILE A 116 18.19 -6.56 8.27
CA ILE A 116 17.43 -6.40 9.50
C ILE A 116 15.91 -6.44 9.25
N LEU A 117 15.45 -5.77 8.20
CA LEU A 117 14.02 -5.85 7.87
C LEU A 117 13.63 -7.27 7.50
N LYS A 118 14.50 -8.01 6.83
CA LYS A 118 14.20 -9.41 6.51
C LYS A 118 13.89 -10.17 7.79
N GLN A 119 14.71 -9.95 8.81
CA GLN A 119 14.48 -10.58 10.09
C GLN A 119 13.17 -10.15 10.76
N ALA A 120 12.87 -8.86 10.75
CA ALA A 120 11.64 -8.31 11.31
C ALA A 120 10.45 -8.96 10.62
N ASN A 121 10.57 -9.12 9.30
CA ASN A 121 9.47 -9.63 8.50
C ASN A 121 9.21 -11.11 8.63
N GLU A 122 10.25 -11.88 8.95
CA GLU A 122 10.07 -13.25 9.35
C GLU A 122 9.25 -13.34 10.62
N ILE A 123 9.57 -12.52 11.61
CA ILE A 123 8.77 -12.46 12.84
C ILE A 123 7.29 -12.05 12.59
N ILE A 124 7.09 -10.99 11.80
CA ILE A 124 5.75 -10.50 11.50
C ILE A 124 4.92 -11.52 10.73
N LEU A 125 5.55 -12.19 9.77
CA LEU A 125 4.84 -13.22 9.03
C LEU A 125 4.35 -14.30 9.99
N LYS A 126 5.20 -14.73 10.91
CA LYS A 126 4.82 -15.76 11.87
C LYS A 126 3.67 -15.23 12.79
N ASP A 127 3.75 -13.98 13.24
CA ASP A 127 2.69 -13.39 14.06
C ASP A 127 1.36 -13.38 13.33
N LEU A 128 1.41 -13.02 12.05
CA LEU A 128 0.22 -12.96 11.20
C LEU A 128 -0.37 -14.34 10.98
N GLU A 129 0.47 -15.32 10.70
CA GLU A 129 -0.03 -16.72 10.58
C GLU A 129 -0.65 -17.23 11.86
N ASN A 130 -0.04 -16.93 12.98
CA ASN A 130 -0.60 -17.30 14.26
C ASN A 130 -1.96 -16.62 14.55
N PHE A 131 -2.10 -15.38 14.12
CA PHE A 131 -3.33 -14.66 14.33
C PHE A 131 -4.40 -15.30 13.47
N VAL A 132 -4.06 -15.62 12.22
CA VAL A 132 -4.99 -16.30 11.34
C VAL A 132 -5.52 -17.62 11.95
N SER A 133 -4.65 -18.41 12.57
CA SER A 133 -5.04 -19.64 13.23
C SER A 133 -5.96 -19.41 14.39
N ILE A 134 -5.70 -18.37 15.16
CA ILE A 134 -6.54 -18.02 16.30
C ILE A 134 -7.93 -17.64 15.79
N LEU A 135 -7.97 -16.90 14.70
CA LEU A 135 -9.25 -16.51 14.13
C LEU A 135 -10.02 -17.70 13.59
N ALA A 136 -9.32 -18.58 12.89
CA ALA A 136 -9.91 -19.79 12.36
C ALA A 136 -10.52 -20.62 13.50
N ASN A 137 -9.77 -20.79 14.60
CA ASN A 137 -10.23 -21.58 15.74
C ASN A 137 -11.47 -20.99 16.43
N LYS A 138 -11.48 -19.67 16.62
CA LYS A 138 -12.63 -18.98 17.20
C LYS A 138 -13.87 -19.08 16.30
N ALA A 139 -13.69 -18.90 15.00
CA ALA A 139 -14.79 -18.97 14.05
C ALA A 139 -15.48 -20.36 14.09
N LYS A 140 -14.67 -21.42 14.09
CA LYS A 140 -15.20 -22.80 14.14
C LYS A 140 -15.96 -23.03 15.42
N GLU A 141 -15.42 -22.54 16.53
CA GLU A 141 -16.12 -22.54 17.82
C GLU A 141 -17.54 -21.91 17.77
N HIS A 142 -17.70 -20.80 17.05
CA HIS A 142 -18.97 -20.05 17.06
C HIS A 142 -19.70 -20.02 15.73
N LYS A 143 -19.42 -21.03 14.91
CA LYS A 143 -20.08 -21.20 13.62
C LYS A 143 -21.56 -20.90 13.66
N TYR A 144 -22.27 -21.48 14.63
CA TYR A 144 -23.72 -21.34 14.77
C TYR A 144 -24.12 -20.56 16.01
N THR A 145 -23.22 -19.70 16.48
CA THR A 145 -23.54 -18.81 17.58
C THR A 145 -24.32 -17.64 17.01
N ILE A 146 -25.64 -17.73 17.07
CA ILE A 146 -26.51 -16.75 16.42
C ILE A 146 -26.53 -15.41 17.17
N MET A 147 -26.70 -14.33 16.40
CA MET A 147 -26.64 -12.98 16.93
C MET A 147 -27.21 -12.05 15.87
N MET A 148 -27.51 -10.82 16.27
CA MET A 148 -27.92 -9.79 15.33
C MET A 148 -26.79 -9.25 14.48
N GLY A 149 -27.08 -9.15 13.19
CA GLY A 149 -26.30 -8.34 12.26
C GLY A 149 -26.78 -6.93 12.40
N ARG A 150 -25.86 -5.98 12.37
CA ARG A 150 -26.19 -4.58 12.55
C ARG A 150 -25.58 -3.78 11.44
N THR A 151 -26.41 -2.94 10.83
CA THR A 151 -25.99 -2.00 9.81
C THR A 151 -26.40 -0.61 10.26
N HIS A 152 -25.45 0.33 10.12
CA HIS A 152 -25.55 1.65 10.71
C HIS A 152 -25.72 1.61 12.23
N GLY A 153 -25.26 0.54 12.87
CA GLY A 153 -25.43 0.34 14.30
C GLY A 153 -26.81 -0.14 14.71
N VAL A 154 -27.68 -0.37 13.74
CA VAL A 154 -29.07 -0.70 14.00
C VAL A 154 -29.36 -2.12 13.59
N HIS A 155 -30.21 -2.81 14.33
CA HIS A 155 -30.63 -4.19 14.00
C HIS A 155 -31.02 -4.34 12.54
N ALA A 156 -30.41 -5.32 11.86
CA ALA A 156 -30.73 -5.61 10.45
C ALA A 156 -31.39 -6.98 10.33
N GLU A 157 -30.58 -8.02 10.26
CA GLU A 157 -31.02 -9.40 10.25
C GLU A 157 -30.00 -10.28 10.99
N PRO A 158 -30.41 -11.48 11.39
CA PRO A 158 -29.47 -12.33 12.10
C PRO A 158 -28.26 -12.79 11.27
N THR A 159 -27.14 -12.96 11.97
CA THR A 159 -25.97 -13.62 11.45
C THR A 159 -25.42 -14.56 12.57
N THR A 160 -24.16 -14.97 12.47
CA THR A 160 -23.53 -15.71 13.57
C THR A 160 -22.15 -15.09 13.90
N PHE A 161 -21.72 -15.24 15.15
CA PHE A 161 -20.43 -14.74 15.56
C PHE A 161 -19.29 -15.46 14.78
N GLY A 162 -19.50 -16.73 14.42
CA GLY A 162 -18.55 -17.48 13.60
C GLY A 162 -18.30 -16.86 12.23
N LEU A 163 -19.36 -16.36 11.59
CA LEU A 163 -19.28 -15.67 10.31
C LEU A 163 -18.54 -14.36 10.46
N LYS A 164 -18.76 -13.66 11.57
CA LYS A 164 -18.03 -12.44 11.86
C LYS A 164 -16.54 -12.72 11.94
N LEU A 165 -16.17 -13.74 12.71
CA LEU A 165 -14.78 -14.13 12.83
C LEU A 165 -14.21 -14.66 11.50
N GLY A 166 -15.05 -15.36 10.74
CA GLY A 166 -14.68 -15.82 9.42
C GLY A 166 -14.37 -14.69 8.46
N LEU A 167 -15.10 -13.58 8.62
CA LEU A 167 -14.80 -12.36 7.88
C LEU A 167 -13.40 -11.85 8.21
N TRP A 168 -13.09 -11.79 9.51
CA TRP A 168 -11.77 -11.35 9.96
C TRP A 168 -10.68 -12.28 9.47
N TYR A 169 -10.91 -13.59 9.58
CA TYR A 169 -9.98 -14.58 9.07
C TYR A 169 -9.63 -14.31 7.61
N GLU A 170 -10.66 -14.12 6.77
CA GLU A 170 -10.42 -13.92 5.35
C GLU A 170 -9.71 -12.59 5.08
N GLU A 171 -10.05 -11.54 5.84
CA GLU A 171 -9.36 -10.26 5.76
C GLU A 171 -7.87 -10.44 6.09
N MET A 172 -7.56 -11.23 7.10
CA MET A 172 -6.16 -11.38 7.48
C MET A 172 -5.38 -12.23 6.47
N LYS A 173 -6.05 -13.17 5.79
CA LYS A 173 -5.44 -13.91 4.68
C LYS A 173 -5.12 -13.01 3.48
N ARG A 174 -5.98 -12.04 3.20
CA ARG A 174 -5.68 -11.00 2.22
C ARG A 174 -4.43 -10.23 2.64
N ASN A 175 -4.37 -9.87 3.91
CA ASN A 175 -3.24 -9.17 4.47
C ASN A 175 -1.93 -10.01 4.52
N VAL A 176 -2.01 -11.32 4.77
CA VAL A 176 -0.82 -12.16 4.65
C VAL A 176 -0.27 -12.11 3.21
N GLU A 177 -1.14 -12.19 2.21
CA GLU A 177 -0.68 -12.09 0.84
C GLU A 177 -0.05 -10.72 0.54
N ARG A 178 -0.71 -9.64 0.98
CA ARG A 178 -0.15 -8.30 0.79
C ARG A 178 1.18 -8.17 1.50
N PHE A 179 1.27 -8.76 2.68
CA PHE A 179 2.49 -8.68 3.45
C PHE A 179 3.68 -9.36 2.72
N LYS A 180 3.43 -10.53 2.17
CA LYS A 180 4.49 -11.23 1.43
C LYS A 180 5.07 -10.39 0.29
N GLN A 181 4.19 -9.70 -0.41
CA GLN A 181 4.59 -8.80 -1.49
C GLN A 181 5.37 -7.60 -0.97
N ALA A 182 4.94 -7.04 0.15
CA ALA A 182 5.62 -5.92 0.77
C ALA A 182 6.98 -6.31 1.32
N ALA A 183 7.04 -7.48 1.98
CA ALA A 183 8.28 -8.00 2.53
C ALA A 183 9.26 -8.20 1.37
N ASN A 184 8.74 -8.68 0.26
CA ASN A 184 9.59 -8.89 -0.88
C ASN A 184 10.15 -7.63 -1.53
N THR A 185 9.37 -6.56 -1.54
CA THR A 185 9.80 -5.35 -2.21
C THR A 185 10.99 -4.74 -1.47
N VAL A 186 11.09 -5.00 -0.15
CA VAL A 186 12.22 -4.50 0.63
C VAL A 186 13.32 -5.56 0.87
N ARG A 187 13.18 -6.77 0.33
CA ARG A 187 14.19 -7.82 0.52
C ARG A 187 15.25 -7.74 -0.60
N VAL A 188 15.95 -6.60 -0.61
CA VAL A 188 16.92 -6.28 -1.65
C VAL A 188 18.06 -5.49 -1.02
N GLY A 189 19.27 -5.73 -1.51
CA GLY A 189 20.46 -4.98 -1.15
C GLY A 189 21.04 -4.31 -2.39
N LYS A 190 22.00 -3.43 -2.17
CA LYS A 190 22.77 -2.80 -3.23
C LYS A 190 24.20 -2.59 -2.76
N LEU A 191 25.13 -2.89 -3.65
CA LEU A 191 26.52 -2.58 -3.50
C LEU A 191 27.04 -2.15 -4.83
N SER A 192 26.66 -0.97 -5.26
CA SER A 192 26.94 -0.46 -6.59
C SER A 192 27.79 0.82 -6.58
N GLY A 193 28.15 1.26 -5.37
CA GLY A 193 29.13 2.29 -5.20
C GLY A 193 28.49 3.64 -5.20
N ALA A 194 29.34 4.67 -5.24
CA ALA A 194 28.93 6.03 -4.88
C ALA A 194 27.62 6.50 -5.51
N VAL A 195 27.43 6.25 -6.81
CA VAL A 195 26.23 6.68 -7.55
C VAL A 195 25.57 5.59 -8.38
N GLY A 196 25.88 4.33 -8.07
CA GLY A 196 25.10 3.22 -8.57
C GLY A 196 25.62 2.67 -9.88
N THR A 197 26.86 3.01 -10.20
CA THR A 197 27.39 2.80 -11.54
C THR A 197 28.27 1.55 -11.59
N TYR A 198 28.71 1.09 -10.42
CA TYR A 198 29.66 -0.01 -10.33
C TYR A 198 31.06 0.43 -10.74
N ALA A 199 31.23 1.74 -10.92
CA ALA A 199 32.49 2.29 -11.43
C ALA A 199 33.68 1.74 -10.61
N ASN A 200 33.52 1.67 -9.30
CA ASN A 200 34.63 1.31 -8.40
C ASN A 200 34.44 -0.06 -7.74
N ILE A 201 33.43 -0.80 -8.17
CA ILE A 201 33.06 -2.04 -7.50
C ILE A 201 32.40 -3.00 -8.49
N ASP A 202 33.05 -4.14 -8.71
CA ASP A 202 32.57 -5.15 -9.64
C ASP A 202 31.17 -5.59 -9.28
N PRO A 203 30.27 -5.67 -10.27
CA PRO A 203 28.90 -6.12 -10.03
C PRO A 203 28.77 -7.47 -9.37
N PHE A 204 29.81 -8.30 -9.43
CA PHE A 204 29.77 -9.60 -8.79
C PHE A 204 29.74 -9.46 -7.24
N VAL A 205 30.41 -8.41 -6.72
CA VAL A 205 30.44 -8.20 -5.27
C VAL A 205 29.02 -8.14 -4.70
N GLU A 206 28.19 -7.28 -5.26
CA GLU A 206 26.77 -7.19 -4.89
C GLU A 206 26.03 -8.52 -4.98
N LYS A 207 26.24 -9.26 -6.06
CA LYS A 207 25.52 -10.56 -6.25
C LYS A 207 25.84 -11.52 -5.09
N TYR A 208 27.13 -11.58 -4.74
CA TYR A 208 27.65 -12.45 -3.71
C TYR A 208 27.15 -12.06 -2.31
N VAL A 209 27.28 -10.79 -1.97
CA VAL A 209 26.84 -10.29 -0.66
C VAL A 209 25.35 -10.51 -0.49
N CYS A 210 24.57 -10.12 -1.50
CA CYS A 210 23.11 -10.24 -1.37
C CYS A 210 22.69 -11.68 -1.25
N GLU A 211 23.29 -12.55 -2.07
CA GLU A 211 22.98 -13.97 -2.01
C GLU A 211 23.26 -14.52 -0.61
N ASN A 212 24.39 -14.12 -0.05
CA ASN A 212 24.79 -14.62 1.24
C ASN A 212 23.98 -14.02 2.41
N LEU A 213 23.15 -13.01 2.14
CA LEU A 213 22.27 -12.46 3.18
C LEU A 213 20.81 -12.79 2.94
N GLY A 214 20.53 -13.60 1.94
CA GLY A 214 19.14 -13.96 1.62
C GLY A 214 18.35 -12.82 1.01
N LEU A 215 19.05 -11.90 0.35
CA LEU A 215 18.45 -10.73 -0.30
C LEU A 215 18.57 -10.84 -1.82
N GLU A 216 17.70 -10.19 -2.60
CA GLU A 216 17.98 -9.98 -4.03
C GLU A 216 18.91 -8.78 -4.21
N ALA A 217 19.60 -8.72 -5.36
CA ALA A 217 20.40 -7.52 -5.70
C ALA A 217 19.49 -6.55 -6.45
N ALA A 218 19.49 -5.27 -6.06
CA ALA A 218 18.73 -4.28 -6.84
C ALA A 218 19.23 -4.26 -8.31
N PRO A 219 18.33 -4.36 -9.28
CA PRO A 219 18.69 -4.39 -10.71
C PRO A 219 19.38 -3.08 -11.15
N ILE A 220 18.95 -1.99 -10.55
CA ILE A 220 19.54 -0.68 -10.81
C ILE A 220 19.37 0.09 -9.50
N SER A 221 20.41 0.79 -9.08
CA SER A 221 20.37 1.59 -7.87
C SER A 221 21.11 2.91 -8.04
N THR A 222 20.90 3.84 -7.11
CA THR A 222 21.69 5.09 -7.04
C THR A 222 22.71 4.91 -5.93
N GLN A 223 22.98 5.95 -5.13
CA GLN A 223 23.67 5.78 -3.85
C GLN A 223 22.89 4.88 -2.91
N THR A 224 21.57 4.87 -3.08
CA THR A 224 20.64 4.14 -2.22
C THR A 224 19.67 3.21 -2.97
N LEU A 225 18.95 2.41 -2.19
CA LEU A 225 17.75 1.76 -2.65
C LEU A 225 16.67 2.83 -2.79
N GLN A 226 15.72 2.59 -3.68
CA GLN A 226 14.68 3.56 -3.95
C GLN A 226 13.58 3.42 -2.91
N ARG A 227 13.07 4.55 -2.44
CA ARG A 227 12.20 4.53 -1.25
C ARG A 227 10.74 4.24 -1.56
N ASP A 228 10.38 4.08 -2.84
CA ASP A 228 9.09 3.51 -3.17
C ASP A 228 8.91 2.15 -2.49
N ARG A 229 9.99 1.42 -2.32
CA ARG A 229 9.92 0.12 -1.68
C ARG A 229 9.47 0.24 -0.20
N HIS A 230 10.08 1.16 0.51
CA HIS A 230 9.82 1.31 1.92
C HIS A 230 8.43 1.92 2.13
N ALA A 231 7.95 2.69 1.15
CA ALA A 231 6.61 3.28 1.22
C ALA A 231 5.57 2.19 1.05
N HIS A 232 5.74 1.35 0.03
CA HIS A 232 4.91 0.14 -0.11
C HIS A 232 4.90 -0.68 1.18
N TYR A 233 6.10 -0.95 1.72
CA TYR A 233 6.24 -1.73 2.93
C TYR A 233 5.44 -1.12 4.13
N MET A 234 5.61 0.16 4.37
CA MET A 234 4.93 0.80 5.51
C MET A 234 3.42 0.88 5.30
N SER A 235 2.99 1.08 4.08
CA SER A 235 1.55 1.09 3.81
C SER A 235 0.90 -0.24 4.15
N THR A 236 1.66 -1.32 3.97
CA THR A 236 1.17 -2.67 4.30
C THR A 236 1.16 -2.87 5.80
N LEU A 237 2.19 -2.39 6.47
CA LEU A 237 2.17 -2.45 7.92
C LEU A 237 0.99 -1.71 8.50
N ALA A 238 0.74 -0.51 7.97
CA ALA A 238 -0.39 0.33 8.41
C ALA A 238 -1.74 -0.31 8.09
N LEU A 239 -1.85 -0.96 6.94
CA LEU A 239 -3.06 -1.69 6.59
C LEU A 239 -3.37 -2.81 7.57
N ILE A 240 -2.37 -3.62 7.90
CA ILE A 240 -2.56 -4.69 8.90
C ILE A 240 -3.02 -4.10 10.21
N ALA A 241 -2.36 -3.03 10.66
CA ALA A 241 -2.75 -2.38 11.93
C ALA A 241 -4.20 -1.87 11.90
N THR A 242 -4.61 -1.31 10.77
CA THR A 242 -5.93 -0.76 10.57
C THR A 242 -6.99 -1.85 10.50
N SER A 243 -6.68 -3.01 9.92
CA SER A 243 -7.54 -4.19 10.01
C SER A 243 -7.75 -4.61 11.46
N ILE A 244 -6.67 -4.61 12.24
CA ILE A 244 -6.76 -4.97 13.64
C ILE A 244 -7.65 -3.95 14.38
N GLU A 245 -7.48 -2.65 14.08
CA GLU A 245 -8.37 -1.60 14.68
C GLU A 245 -9.83 -1.90 14.36
N LYS A 246 -10.12 -2.22 13.10
CA LYS A 246 -11.48 -2.59 12.76
C LYS A 246 -12.07 -3.67 13.70
N MET A 247 -11.29 -4.70 13.98
CA MET A 247 -11.73 -5.82 14.81
C MET A 247 -11.81 -5.42 16.31
N ALA A 248 -10.88 -4.56 16.75
CA ALA A 248 -10.88 -4.00 18.09
C ALA A 248 -12.10 -3.12 18.35
N VAL A 249 -12.42 -2.26 17.38
CA VAL A 249 -13.59 -1.44 17.43
C VAL A 249 -14.84 -2.33 17.59
N GLU A 250 -14.87 -3.46 16.90
CA GLU A 250 -15.98 -4.39 17.03
C GLU A 250 -16.07 -4.97 18.45
N ILE A 251 -14.95 -5.47 19.00
CA ILE A 251 -14.96 -5.97 20.36
C ILE A 251 -15.46 -4.91 21.33
N ARG A 252 -14.97 -3.70 21.16
CA ARG A 252 -15.38 -2.59 22.04
C ARG A 252 -16.90 -2.38 22.01
N GLY A 253 -17.46 -2.42 20.80
CA GLY A 253 -18.90 -2.19 20.60
C GLY A 253 -19.74 -3.29 21.21
N LEU A 254 -19.27 -4.52 21.09
CA LEU A 254 -20.00 -5.68 21.59
C LEU A 254 -19.94 -5.85 23.09
N GLN A 255 -18.91 -5.27 23.72
CA GLN A 255 -18.77 -5.23 25.17
C GLN A 255 -19.57 -4.07 25.81
N LYS A 256 -20.15 -3.16 25.02
CA LYS A 256 -20.95 -2.06 25.60
C LYS A 256 -22.03 -2.65 26.52
N SER A 257 -22.35 -1.94 27.59
CA SER A 257 -23.14 -2.54 28.70
C SER A 257 -24.55 -2.98 28.28
N GLU A 258 -25.18 -2.22 27.41
CA GLU A 258 -26.50 -2.57 26.89
C GLU A 258 -26.45 -3.85 26.08
N THR A 259 -25.30 -4.21 25.58
CA THR A 259 -25.09 -5.25 24.57
C THR A 259 -24.39 -6.46 25.17
N ARG A 260 -23.20 -6.37 25.72
CA ARG A 260 -22.51 -7.45 26.42
C ARG A 260 -22.71 -8.78 25.71
N GLU A 261 -22.32 -8.83 24.44
CA GLU A 261 -22.28 -10.09 23.70
C GLU A 261 -20.92 -10.75 23.82
N VAL A 262 -19.97 -9.95 24.28
CA VAL A 262 -18.58 -10.32 24.40
C VAL A 262 -17.95 -9.52 25.54
N GLU A 263 -16.84 -10.03 26.09
CA GLU A 263 -16.07 -9.31 27.10
C GLU A 263 -14.63 -9.78 27.09
N GLU A 264 -13.67 -8.84 27.12
CA GLU A 264 -12.27 -9.23 27.26
C GLU A 264 -12.09 -10.02 28.55
N ALA A 265 -11.24 -11.03 28.52
CA ALA A 265 -10.87 -11.79 29.71
C ALA A 265 -10.44 -10.87 30.85
N PHE A 266 -10.95 -11.12 32.05
CA PHE A 266 -10.68 -10.32 33.25
C PHE A 266 -10.12 -11.29 34.30
N ALA A 267 -8.92 -11.00 34.81
CA ALA A 267 -8.16 -11.94 35.61
C ALA A 267 -8.47 -11.74 37.09
N LYS A 268 -8.21 -12.78 37.88
CA LYS A 268 -8.31 -12.70 39.33
C LYS A 268 -7.31 -11.64 39.76
N GLY A 269 -7.79 -10.64 40.49
CA GLY A 269 -6.93 -9.60 41.00
C GLY A 269 -6.89 -8.39 40.11
N GLN A 270 -7.45 -8.49 38.90
CA GLN A 270 -7.50 -7.33 38.02
C GLN A 270 -8.39 -6.26 38.63
N LYS A 271 -8.02 -5.01 38.39
CA LYS A 271 -8.86 -3.90 38.78
C LYS A 271 -9.23 -3.07 37.55
N GLY A 272 -10.54 -2.91 37.32
CA GLY A 272 -11.04 -2.29 36.10
C GLY A 272 -10.95 -0.78 36.07
N SER A 273 -10.97 -0.14 37.23
CA SER A 273 -10.86 1.30 37.33
C SER A 273 -10.39 1.63 38.72
N SER A 274 -10.02 2.89 38.95
CA SER A 274 -9.53 3.28 40.27
C SER A 274 -10.69 3.66 41.22
N ALA A 275 -11.79 4.14 40.67
CA ALA A 275 -12.88 4.69 41.48
C ALA A 275 -14.16 3.87 41.41
N MET A 276 -14.30 2.99 40.41
CA MET A 276 -15.52 2.26 40.14
C MET A 276 -15.22 0.75 40.10
N PRO A 277 -15.34 0.08 41.24
CA PRO A 277 -15.06 -1.35 41.38
C PRO A 277 -15.80 -2.28 40.44
N HIS A 278 -16.93 -1.84 39.91
CA HIS A 278 -17.70 -2.69 39.01
C HIS A 278 -17.14 -2.80 37.60
N LYS A 279 -16.18 -1.97 37.21
CA LYS A 279 -15.81 -1.86 35.80
C LYS A 279 -15.05 -3.07 35.27
N ARG A 280 -15.50 -3.53 34.10
CA ARG A 280 -14.75 -4.44 33.23
C ARG A 280 -14.74 -3.84 31.81
N ASN A 281 -13.56 -3.47 31.35
CA ASN A 281 -13.42 -2.65 30.14
C ASN A 281 -12.70 -3.41 29.04
N PRO A 282 -12.98 -3.06 27.75
CA PRO A 282 -12.22 -3.59 26.62
C PRO A 282 -10.90 -2.82 26.36
N ILE A 283 -10.03 -2.82 27.37
CA ILE A 283 -8.81 -2.02 27.39
C ILE A 283 -7.80 -2.47 26.34
N GLY A 284 -7.67 -3.78 26.11
CA GLY A 284 -6.74 -4.31 25.08
C GLY A 284 -7.10 -3.78 23.70
N SER A 285 -8.38 -3.87 23.39
CA SER A 285 -8.90 -3.43 22.11
C SER A 285 -8.74 -1.92 21.94
N GLU A 286 -8.89 -1.19 23.04
CA GLU A 286 -8.70 0.24 22.99
C GLU A 286 -7.25 0.60 22.75
N ASN A 287 -6.33 -0.10 23.42
CA ASN A 287 -4.90 0.05 23.18
C ASN A 287 -4.49 -0.22 21.74
N MET A 288 -5.06 -1.26 21.14
CA MET A 288 -4.80 -1.56 19.71
C MET A 288 -5.26 -0.42 18.82
N THR A 289 -6.36 0.22 19.17
CA THR A 289 -6.90 1.32 18.38
C THR A 289 -5.91 2.50 18.32
N GLY A 290 -5.36 2.87 19.47
CA GLY A 290 -4.34 3.88 19.57
C GLY A 290 -3.11 3.59 18.73
N LEU A 291 -2.60 2.37 18.80
CA LEU A 291 -1.37 2.04 18.09
C LEU A 291 -1.56 2.05 16.59
N ALA A 292 -2.75 1.65 16.12
CA ALA A 292 -3.07 1.69 14.69
C ALA A 292 -2.97 3.11 14.14
N ARG A 293 -3.45 4.08 14.92
CA ARG A 293 -3.28 5.49 14.56
C ARG A 293 -1.80 5.93 14.44
N VAL A 294 -0.95 5.50 15.38
CA VAL A 294 0.46 5.86 15.31
C VAL A 294 1.06 5.30 14.03
N ILE A 295 0.73 4.04 13.72
CA ILE A 295 1.34 3.38 12.56
C ILE A 295 0.87 4.02 11.24
N ARG A 296 -0.34 4.48 11.17
CA ARG A 296 -0.80 5.21 9.98
C ARG A 296 -0.02 6.49 9.77
N GLY A 297 0.36 7.13 10.87
CA GLY A 297 1.22 8.32 10.81
C GLY A 297 2.59 7.98 10.21
N TYR A 298 3.10 6.81 10.55
CA TYR A 298 4.40 6.38 10.02
C TYR A 298 4.30 6.18 8.53
N MET A 299 3.12 5.74 8.07
CA MET A 299 2.89 5.53 6.67
C MET A 299 3.02 6.86 5.92
N MET A 300 2.46 7.93 6.47
CA MET A 300 2.53 9.21 5.77
C MET A 300 3.97 9.69 5.69
N THR A 301 4.72 9.48 6.77
CA THR A 301 6.16 9.77 6.80
C THR A 301 6.93 9.00 5.67
N ALA A 302 6.66 7.70 5.54
CA ALA A 302 7.31 6.86 4.56
C ALA A 302 7.09 7.39 3.11
N TYR A 303 5.88 7.82 2.81
CA TYR A 303 5.57 8.33 1.50
C TYR A 303 6.32 9.63 1.23
N GLU A 304 6.50 10.44 2.28
CA GLU A 304 7.20 11.69 2.16
C GLU A 304 8.71 11.48 1.95
N ASN A 305 9.19 10.28 2.28
CA ASN A 305 10.58 9.87 2.07
C ASN A 305 10.89 9.49 0.63
N VAL A 306 9.89 9.37 -0.23
CA VAL A 306 10.14 8.91 -1.61
C VAL A 306 10.88 9.95 -2.50
N PRO A 307 10.41 11.19 -2.58
CA PRO A 307 11.13 12.11 -3.48
C PRO A 307 12.50 12.62 -3.01
N LEU A 308 13.46 11.71 -2.98
CA LEU A 308 14.85 12.01 -2.68
C LEU A 308 15.49 12.70 -3.88
N TRP A 309 16.43 13.59 -3.60
CA TRP A 309 17.09 14.38 -4.65
C TRP A 309 18.21 13.62 -5.36
N HIS A 310 18.12 13.57 -6.69
CA HIS A 310 19.19 13.03 -7.55
C HIS A 310 19.54 11.59 -7.14
N GLU A 311 20.81 11.34 -6.82
CA GLU A 311 21.28 10.00 -6.54
C GLU A 311 21.19 9.71 -5.07
N ARG A 312 20.67 10.68 -4.34
CA ARG A 312 20.11 10.57 -2.96
C ARG A 312 20.30 11.86 -2.16
N ASP A 313 19.41 12.07 -1.21
CA ASP A 313 19.71 12.91 -0.06
C ASP A 313 19.47 12.02 1.15
N ILE A 314 19.90 12.44 2.33
CA ILE A 314 19.87 11.57 3.48
C ILE A 314 18.66 11.85 4.43
N SER A 315 17.77 12.75 4.00
CA SER A 315 16.54 13.03 4.76
C SER A 315 15.75 11.79 5.21
N HIS A 316 15.70 10.73 4.40
CA HIS A 316 14.97 9.51 4.77
C HIS A 316 15.51 8.76 6.00
N SER A 317 16.80 8.92 6.24
CA SER A 317 17.48 8.14 7.23
C SER A 317 17.06 8.50 8.68
N SER A 318 17.01 9.80 8.97
CA SER A 318 16.58 10.28 10.28
C SER A 318 15.11 9.86 10.51
N ALA A 319 14.27 9.95 9.48
CA ALA A 319 12.89 9.44 9.62
C ALA A 319 12.82 7.92 9.83
N GLU A 320 13.63 7.17 9.08
CA GLU A 320 13.60 5.69 9.15
C GLU A 320 14.15 5.12 10.44
N ARG A 321 15.09 5.84 11.03
CA ARG A 321 15.60 5.53 12.37
C ARG A 321 14.51 5.46 13.41
N VAL A 322 13.50 6.30 13.24
CA VAL A 322 12.31 6.30 14.07
C VAL A 322 11.30 5.28 13.60
N ILE A 323 10.83 5.42 12.36
CA ILE A 323 9.64 4.71 11.95
C ILE A 323 9.84 3.23 11.65
N LEU A 324 11.03 2.83 11.24
CA LEU A 324 11.16 1.41 10.87
C LEU A 324 11.16 0.52 12.13
N PRO A 325 12.03 0.80 13.14
CA PRO A 325 11.92 0.10 14.43
C PRO A 325 10.53 0.26 15.10
N ASP A 326 10.00 1.48 15.14
CA ASP A 326 8.77 1.73 15.87
C ASP A 326 7.58 1.04 15.22
N ALA A 327 7.51 1.04 13.90
CA ALA A 327 6.40 0.42 13.23
C ALA A 327 6.42 -1.10 13.40
N THR A 328 7.60 -1.70 13.22
CA THR A 328 7.71 -3.16 13.28
C THR A 328 7.53 -3.64 14.74
N ILE A 329 8.12 -2.93 15.68
CA ILE A 329 7.97 -3.22 17.10
C ILE A 329 6.47 -3.16 17.50
N ALA A 330 5.78 -2.06 17.12
CA ALA A 330 4.39 -1.88 17.45
C ALA A 330 3.47 -2.93 16.81
N LEU A 331 3.72 -3.25 15.54
CA LEU A 331 2.88 -4.21 14.85
C LEU A 331 3.05 -5.59 15.44
N ASN A 332 4.27 -5.95 15.77
CA ASN A 332 4.54 -7.26 16.42
C ASN A 332 3.78 -7.33 17.76
N TYR A 333 3.85 -6.24 18.51
CA TYR A 333 3.11 -6.16 19.78
C TYR A 333 1.61 -6.26 19.56
N MET A 334 1.11 -5.56 18.54
CA MET A 334 -0.34 -5.60 18.28
C MET A 334 -0.80 -7.00 17.89
N LEU A 335 -0.05 -7.65 17.02
CA LEU A 335 -0.48 -8.94 16.51
C LEU A 335 -0.54 -9.97 17.65
N ASN A 336 0.44 -9.92 18.54
CA ASN A 336 0.51 -10.87 19.67
C ASN A 336 -0.52 -10.56 20.74
N ARG A 337 -0.63 -9.29 21.11
CA ARG A 337 -1.59 -8.89 22.14
C ARG A 337 -3.02 -9.11 21.67
N PHE A 338 -3.35 -8.61 20.47
CA PHE A 338 -4.74 -8.75 20.02
C PHE A 338 -5.10 -10.20 19.68
N GLY A 339 -4.16 -10.99 19.15
CA GLY A 339 -4.39 -12.42 19.04
C GLY A 339 -4.74 -13.06 20.40
N ASN A 340 -4.02 -12.72 21.47
CA ASN A 340 -4.41 -13.24 22.79
C ASN A 340 -5.78 -12.71 23.27
N ILE A 341 -6.13 -11.47 22.92
CA ILE A 341 -7.43 -10.93 23.29
C ILE A 341 -8.53 -11.73 22.64
N VAL A 342 -8.39 -12.03 21.35
CA VAL A 342 -9.40 -12.81 20.66
C VAL A 342 -9.45 -14.24 21.21
N LYS A 343 -8.28 -14.85 21.33
CA LYS A 343 -8.22 -16.23 21.84
C LYS A 343 -8.94 -16.40 23.20
N ASN A 344 -8.70 -15.46 24.10
CA ASN A 344 -9.20 -15.58 25.47
C ASN A 344 -10.55 -14.90 25.66
N LEU A 345 -11.10 -14.39 24.57
CA LEU A 345 -12.31 -13.57 24.63
C LEU A 345 -13.48 -14.37 25.17
N THR A 346 -14.22 -13.78 26.11
CA THR A 346 -15.47 -14.37 26.58
C THR A 346 -16.63 -14.01 25.67
N VAL A 347 -17.42 -15.01 25.29
CA VAL A 347 -18.55 -14.80 24.41
C VAL A 347 -19.79 -15.16 25.22
N TYR A 348 -20.89 -14.47 24.97
CA TYR A 348 -22.14 -14.63 25.76
C TYR A 348 -23.28 -14.92 24.82
N PRO A 349 -23.41 -16.17 24.37
CA PRO A 349 -24.45 -16.57 23.41
C PRO A 349 -25.87 -16.25 23.87
N GLU A 350 -26.09 -16.29 25.19
CA GLU A 350 -27.37 -15.96 25.83
C GLU A 350 -27.74 -14.49 25.69
N ASN A 351 -26.76 -13.61 25.85
CA ASN A 351 -26.99 -12.18 25.64
C ASN A 351 -27.20 -11.89 24.15
N MET A 352 -26.46 -12.57 23.28
CA MET A 352 -26.68 -12.44 21.85
C MET A 352 -28.14 -12.80 21.47
N LYS A 353 -28.64 -13.92 21.96
CA LYS A 353 -30.02 -14.33 21.62
C LYS A 353 -31.02 -13.36 22.23
N ARG A 354 -30.81 -12.98 23.49
CA ARG A 354 -31.69 -12.00 24.12
C ARG A 354 -31.77 -10.68 23.33
N ASN A 355 -30.65 -10.16 22.86
CA ASN A 355 -30.65 -8.89 22.15
C ASN A 355 -31.46 -8.90 20.86
N MET A 356 -31.58 -10.08 20.24
CA MET A 356 -32.36 -10.27 19.00
C MET A 356 -33.86 -10.05 19.24
N THR A 357 -34.22 -10.14 20.50
CA THR A 357 -35.54 -9.90 21.02
C THR A 357 -35.92 -8.43 21.18
N ARG A 358 -34.94 -7.57 21.31
CA ARG A 358 -35.17 -6.24 21.84
C ARG A 358 -35.74 -5.19 20.88
N THR A 359 -35.91 -5.54 19.61
CA THR A 359 -36.49 -4.60 18.66
C THR A 359 -37.78 -5.17 18.13
N TYR A 360 -38.48 -5.90 18.99
CA TYR A 360 -39.90 -6.26 18.82
C TYR A 360 -40.19 -7.10 17.60
N GLY A 361 -39.19 -7.84 17.12
CA GLY A 361 -39.35 -8.71 15.96
C GLY A 361 -39.27 -7.96 14.64
N LEU A 362 -38.88 -6.69 14.69
CA LEU A 362 -38.84 -5.86 13.48
C LEU A 362 -37.84 -6.36 12.43
N ILE A 363 -36.88 -7.16 12.86
CA ILE A 363 -35.88 -7.72 11.96
C ILE A 363 -36.51 -8.62 10.88
N TYR A 364 -37.77 -9.02 11.05
CA TYR A 364 -38.43 -9.89 10.05
C TYR A 364 -39.18 -9.09 8.95
N SER A 365 -39.00 -7.78 8.94
CA SER A 365 -39.78 -6.94 8.03
C SER A 365 -39.48 -7.24 6.55
N GLN A 366 -38.23 -7.47 6.18
CA GLN A 366 -37.87 -7.84 4.78
C GLN A 366 -38.60 -9.07 4.26
N ARG A 367 -38.69 -10.09 5.12
CA ARG A 367 -39.28 -11.38 4.77
C ARG A 367 -40.80 -11.31 4.59
N VAL A 368 -41.45 -10.53 5.43
CA VAL A 368 -42.85 -10.22 5.24
C VAL A 368 -43.02 -9.54 3.87
N MET A 369 -42.16 -8.56 3.60
CA MET A 369 -42.17 -7.84 2.33
C MET A 369 -41.96 -8.77 1.13
N LEU A 370 -40.89 -9.55 1.18
CA LEU A 370 -40.56 -10.47 0.06
C LEU A 370 -41.68 -11.50 -0.19
N THR A 371 -42.32 -11.95 0.88
CA THR A 371 -43.41 -12.91 0.72
C THR A 371 -44.63 -12.28 0.08
N LEU A 372 -44.87 -11.01 0.41
CA LEU A 372 -45.92 -10.25 -0.25
C LEU A 372 -45.68 -10.17 -1.75
N ILE A 373 -44.44 -9.91 -2.12
CA ILE A 373 -44.05 -9.89 -3.53
C ILE A 373 -44.28 -11.23 -4.22
N ASP A 374 -43.96 -12.31 -3.49
CA ASP A 374 -44.20 -13.67 -3.99
C ASP A 374 -45.67 -13.90 -4.28
N LYS A 375 -46.53 -13.31 -3.45
CA LYS A 375 -47.98 -13.43 -3.63
C LYS A 375 -48.48 -12.41 -4.65
N GLY A 376 -47.56 -11.68 -5.26
CA GLY A 376 -47.83 -10.98 -6.51
C GLY A 376 -48.03 -9.49 -6.31
N MET A 377 -47.60 -8.99 -5.16
CA MET A 377 -47.55 -7.57 -4.93
C MET A 377 -46.30 -6.91 -5.52
N VAL A 378 -46.48 -5.73 -6.08
CA VAL A 378 -45.38 -4.91 -6.59
C VAL A 378 -44.50 -4.49 -5.37
N ARG A 379 -43.20 -4.29 -5.60
CA ARG A 379 -42.26 -4.10 -4.48
C ARG A 379 -42.60 -2.87 -3.62
N GLU A 380 -42.88 -1.75 -4.27
CA GLU A 380 -43.11 -0.53 -3.52
C GLU A 380 -44.43 -0.60 -2.76
N GLU A 381 -45.40 -1.35 -3.30
CA GLU A 381 -46.66 -1.60 -2.63
C GLU A 381 -46.45 -2.47 -1.38
N ALA A 382 -45.63 -3.53 -1.50
CA ALA A 382 -45.28 -4.36 -0.35
C ALA A 382 -44.47 -3.60 0.73
N TYR A 383 -43.49 -2.83 0.30
CA TYR A 383 -42.65 -2.07 1.22
C TYR A 383 -43.52 -1.09 2.01
N ASP A 384 -44.43 -0.43 1.30
CA ASP A 384 -45.20 0.65 1.88
C ASP A 384 -46.39 0.19 2.74
N ILE A 385 -46.80 -1.06 2.58
CA ILE A 385 -47.69 -1.70 3.54
C ILE A 385 -46.94 -2.04 4.81
N VAL A 386 -45.71 -2.55 4.68
CA VAL A 386 -44.97 -3.05 5.83
C VAL A 386 -44.33 -1.93 6.67
N GLN A 387 -43.88 -0.87 6.01
CA GLN A 387 -43.12 0.18 6.71
C GLN A 387 -43.91 0.84 7.87
N PRO A 388 -45.15 1.30 7.62
CA PRO A 388 -45.88 1.93 8.72
C PRO A 388 -46.10 1.03 9.93
N LYS A 389 -46.30 -0.27 9.67
CA LYS A 389 -46.47 -1.26 10.73
C LYS A 389 -45.20 -1.32 11.56
N ALA A 390 -44.07 -1.35 10.86
CA ALA A 390 -42.79 -1.37 11.54
C ALA A 390 -42.58 -0.10 12.39
N MET A 391 -42.90 1.05 11.83
CA MET A 391 -42.73 2.32 12.50
C MET A 391 -43.70 2.48 13.68
N GLU A 392 -44.89 1.90 13.57
CA GLU A 392 -45.83 1.84 14.69
C GLU A 392 -45.26 1.02 15.87
N ALA A 393 -44.74 -0.16 15.58
CA ALA A 393 -44.08 -0.97 16.58
C ALA A 393 -42.94 -0.20 17.27
N TRP A 394 -42.11 0.49 16.50
CA TRP A 394 -41.03 1.31 17.10
C TRP A 394 -41.58 2.29 18.12
N GLU A 395 -42.57 3.07 17.70
CA GLU A 395 -42.98 4.22 18.48
C GLU A 395 -43.99 3.92 19.57
N THR A 396 -44.65 2.78 19.49
CA THR A 396 -45.56 2.33 20.53
C THR A 396 -44.99 1.11 21.23
N GLN A 397 -43.87 0.60 20.72
CA GLN A 397 -43.15 -0.49 21.38
C GLN A 397 -44.04 -1.72 21.64
N VAL A 398 -44.73 -2.15 20.58
CA VAL A 398 -45.54 -3.36 20.60
C VAL A 398 -44.93 -4.32 19.57
N GLN A 399 -45.18 -5.63 19.73
CA GLN A 399 -44.60 -6.64 18.87
C GLN A 399 -45.05 -6.50 17.42
N PHE A 400 -44.09 -6.62 16.50
CA PHE A 400 -44.30 -6.47 15.08
C PHE A 400 -45.20 -7.58 14.50
N LYS A 401 -45.05 -8.81 15.00
CA LYS A 401 -45.83 -9.94 14.48
C LYS A 401 -47.33 -9.73 14.76
N GLU A 402 -47.66 -9.42 16.01
CA GLU A 402 -48.99 -8.91 16.39
C GLU A 402 -49.55 -7.95 15.34
N LEU A 403 -48.75 -6.93 15.00
CA LEU A 403 -49.22 -5.86 14.16
C LEU A 403 -49.48 -6.34 12.73
N VAL A 404 -48.63 -7.22 12.20
CA VAL A 404 -48.86 -7.77 10.87
C VAL A 404 -50.06 -8.74 10.91
N GLU A 405 -50.23 -9.43 12.04
CA GLU A 405 -51.33 -10.38 12.20
C GLU A 405 -52.64 -9.63 12.29
N ALA A 406 -52.66 -8.59 13.11
CA ALA A 406 -53.79 -7.66 13.19
C ALA A 406 -53.95 -6.75 11.95
N ASP A 407 -53.16 -6.98 10.88
CA ASP A 407 -53.19 -6.13 9.66
C ASP A 407 -53.80 -6.88 8.49
N GLU A 408 -54.98 -6.47 8.07
CA GLU A 408 -55.81 -7.33 7.21
C GLU A 408 -55.43 -7.41 5.72
N ARG A 409 -54.55 -6.55 5.23
CA ARG A 409 -54.17 -6.62 3.80
C ARG A 409 -52.93 -7.49 3.58
N ILE A 410 -52.20 -7.77 4.66
CA ILE A 410 -51.18 -8.82 4.66
C ILE A 410 -51.89 -10.16 4.87
N THR A 411 -52.72 -10.16 5.91
CA THR A 411 -53.37 -11.34 6.41
C THR A 411 -54.42 -11.93 5.42
N SER A 412 -54.87 -11.12 4.47
CA SER A 412 -55.56 -11.62 3.31
C SER A 412 -54.68 -12.31 2.25
N LYS A 413 -53.38 -11.98 2.17
CA LYS A 413 -52.49 -12.58 1.13
C LYS A 413 -51.61 -13.72 1.64
N LEU A 414 -51.22 -13.64 2.92
CA LEU A 414 -50.43 -14.68 3.58
C LEU A 414 -51.26 -15.45 4.61
N THR A 415 -51.12 -16.76 4.63
CA THR A 415 -51.72 -17.60 5.68
C THR A 415 -50.97 -17.40 6.99
N GLN A 416 -51.47 -18.01 8.05
CA GLN A 416 -50.85 -17.88 9.36
C GLN A 416 -49.50 -18.61 9.41
N GLU A 417 -49.42 -19.78 8.77
CA GLU A 417 -48.16 -20.52 8.75
C GLU A 417 -47.11 -19.87 7.83
N GLU A 418 -47.57 -19.11 6.83
CA GLU A 418 -46.67 -18.29 6.04
C GLU A 418 -46.16 -17.14 6.87
N ILE A 419 -47.06 -16.49 7.61
CA ILE A 419 -46.64 -15.42 8.51
C ILE A 419 -45.61 -15.95 9.52
N ASN A 420 -45.89 -17.12 10.10
CA ASN A 420 -44.99 -17.70 11.10
C ASN A 420 -43.60 -18.01 10.54
N GLU A 421 -43.54 -18.49 9.30
CA GLU A 421 -42.29 -18.76 8.61
C GLU A 421 -41.47 -17.50 8.46
N CYS A 422 -42.14 -16.37 8.23
CA CYS A 422 -41.41 -15.08 8.13
C CYS A 422 -40.69 -14.71 9.42
N PHE A 423 -41.24 -15.15 10.53
CA PHE A 423 -40.68 -14.82 11.84
C PHE A 423 -39.72 -15.89 12.40
N ASN A 424 -39.23 -16.78 11.54
CA ASN A 424 -38.29 -17.83 11.95
C ASN A 424 -36.83 -17.46 11.59
N TYR A 425 -35.97 -17.38 12.61
CA TYR A 425 -34.57 -16.98 12.41
C TYR A 425 -33.72 -18.09 11.79
N GLU A 426 -34.16 -19.34 11.94
CA GLU A 426 -33.44 -20.49 11.41
C GLU A 426 -33.18 -20.38 9.92
N HIS A 427 -34.17 -19.88 9.19
CA HIS A 427 -34.00 -19.48 7.81
C HIS A 427 -32.67 -18.77 7.51
N HIS A 428 -32.21 -17.93 8.44
CA HIS A 428 -31.00 -17.14 8.22
C HIS A 428 -29.67 -17.90 8.42
N MET A 429 -29.75 -19.12 8.96
CA MET A 429 -28.57 -19.98 9.18
C MET A 429 -28.25 -20.93 8.01
N GLN A 430 -29.14 -20.96 7.02
CA GLN A 430 -29.13 -21.94 5.92
C GLN A 430 -27.83 -22.01 5.10
N HIS A 431 -27.04 -20.92 5.07
CA HIS A 431 -25.81 -20.90 4.27
C HIS A 431 -24.53 -20.69 5.07
N VAL A 432 -24.61 -20.80 6.38
CA VAL A 432 -23.42 -20.65 7.21
C VAL A 432 -22.42 -21.73 6.79
N ASP A 433 -22.90 -22.96 6.70
CA ASP A 433 -22.05 -24.08 6.35
C ASP A 433 -21.44 -23.91 4.96
N THR A 434 -22.25 -23.46 4.00
CA THR A 434 -21.69 -23.23 2.68
C THR A 434 -20.61 -22.13 2.64
N ILE A 435 -20.74 -21.07 3.43
CA ILE A 435 -19.70 -20.05 3.49
C ILE A 435 -18.44 -20.62 4.14
N PHE A 436 -18.59 -21.27 5.29
CA PHE A 436 -17.47 -21.92 5.97
C PHE A 436 -16.74 -22.92 5.07
N GLU A 437 -17.47 -23.64 4.25
CA GLU A 437 -16.88 -24.60 3.33
C GLU A 437 -15.92 -23.91 2.37
N ARG A 438 -16.35 -22.78 1.80
CA ARG A 438 -15.49 -21.94 0.95
C ARG A 438 -14.21 -21.43 1.58
N LEU A 439 -14.34 -20.98 2.82
CA LEU A 439 -13.25 -20.40 3.58
C LEU A 439 -12.23 -21.42 4.02
N GLY A 440 -12.58 -22.70 3.93
CA GLY A 440 -11.73 -23.78 4.41
C GLY A 440 -11.92 -24.08 5.87
N LEU A 441 -13.03 -23.63 6.44
CA LEU A 441 -13.23 -23.70 7.89
C LEU A 441 -14.07 -24.92 8.34
N ASN A 442 -14.31 -25.85 7.42
CA ASN A 442 -15.00 -27.09 7.74
C ASN A 442 -14.01 -28.27 7.73
N GLU A 443 -14.53 -29.47 7.99
CA GLU A 443 -13.91 -30.73 7.54
C GLU A 443 -15.00 -31.62 6.90
N ALA A 444 -15.95 -30.98 6.20
CA ALA A 444 -17.30 -31.54 5.88
C ALA A 444 -17.32 -32.91 5.19
N ILE B 11 -13.26 18.03 -11.97
CA ILE B 11 -12.18 18.98 -11.60
C ILE B 11 -10.91 18.84 -12.43
N SER B 12 -10.68 19.79 -13.33
CA SER B 12 -11.50 19.93 -14.52
C SER B 12 -10.69 20.52 -15.67
N ARG B 13 -9.70 21.33 -15.32
CA ARG B 13 -8.48 21.43 -16.11
C ARG B 13 -7.54 20.24 -15.87
N TYR B 14 -7.77 19.48 -14.78
CA TYR B 14 -7.03 18.24 -14.50
C TYR B 14 -7.85 16.98 -14.77
N THR B 15 -8.81 17.05 -15.70
CA THR B 15 -9.62 15.87 -16.00
C THR B 15 -9.78 15.58 -17.49
N ARG B 16 -9.31 14.40 -17.91
CA ARG B 16 -9.39 13.94 -19.31
C ARG B 16 -10.70 13.20 -19.57
N PRO B 17 -11.27 13.38 -20.76
CA PRO B 17 -12.57 12.78 -21.09
C PRO B 17 -12.67 11.25 -20.87
N GLU B 18 -11.61 10.52 -21.17
CA GLU B 18 -11.62 9.07 -21.04
C GLU B 18 -11.98 8.65 -19.61
N MET B 19 -11.42 9.33 -18.62
CA MET B 19 -11.67 8.95 -17.23
C MET B 19 -12.93 9.64 -16.67
N GLY B 20 -13.14 10.90 -17.03
CA GLY B 20 -14.36 11.63 -16.64
C GLY B 20 -15.64 10.93 -17.04
N ALA B 21 -15.63 10.29 -18.21
CA ALA B 21 -16.79 9.57 -18.74
C ALA B 21 -17.18 8.38 -17.87
N ILE B 22 -16.21 7.71 -17.26
CA ILE B 22 -16.59 6.51 -16.51
C ILE B 22 -17.24 6.90 -15.18
N TRP B 23 -17.01 8.12 -14.69
CA TRP B 23 -17.57 8.58 -13.39
C TRP B 23 -18.85 9.44 -13.42
N THR B 24 -19.52 9.53 -14.57
CA THR B 24 -20.77 10.28 -14.62
C THR B 24 -21.84 9.53 -13.84
N GLU B 25 -22.85 10.28 -13.43
CA GLU B 25 -24.01 9.69 -12.76
C GLU B 25 -24.73 8.74 -13.69
N GLU B 26 -24.83 9.12 -14.95
CA GLU B 26 -25.50 8.26 -15.88
C GLU B 26 -24.82 6.89 -15.97
N ASN B 27 -23.50 6.89 -16.04
CA ASN B 27 -22.78 5.63 -16.03
C ASN B 27 -22.94 4.80 -14.75
N LYS B 28 -23.01 5.46 -13.61
CA LYS B 28 -23.29 4.77 -12.36
C LYS B 28 -24.63 4.04 -12.44
N PHE B 29 -25.68 4.79 -12.75
CA PHE B 29 -27.05 4.25 -12.78
C PHE B 29 -27.22 3.18 -13.85
N LYS B 30 -26.51 3.33 -14.97
CA LYS B 30 -26.45 2.25 -15.97
C LYS B 30 -25.83 0.98 -15.38
N ALA B 31 -24.75 1.15 -14.61
CA ALA B 31 -24.14 0.03 -13.89
C ALA B 31 -25.15 -0.57 -12.90
N TRP B 32 -25.88 0.28 -12.19
CA TRP B 32 -26.90 -0.20 -11.21
C TRP B 32 -27.98 -1.00 -11.91
N LEU B 33 -28.48 -0.48 -13.02
CA LEU B 33 -29.51 -1.20 -13.80
C LEU B 33 -29.04 -2.58 -14.23
N GLU B 34 -27.82 -2.66 -14.75
CA GLU B 34 -27.32 -3.91 -15.26
C GLU B 34 -27.16 -4.93 -14.14
N VAL B 35 -26.71 -4.51 -12.95
CA VAL B 35 -26.63 -5.43 -11.80
C VAL B 35 -28.04 -5.97 -11.48
N GLU B 36 -29.03 -5.10 -11.45
CA GLU B 36 -30.41 -5.52 -11.16
C GLU B 36 -30.94 -6.54 -12.16
N ILE B 37 -30.70 -6.27 -13.44
CA ILE B 37 -31.23 -7.14 -14.51
C ILE B 37 -30.49 -8.48 -14.46
N LEU B 38 -29.18 -8.46 -14.31
CA LEU B 38 -28.42 -9.71 -14.18
C LEU B 38 -28.86 -10.55 -12.98
N ALA B 39 -29.18 -9.90 -11.86
CA ALA B 39 -29.70 -10.59 -10.67
C ALA B 39 -31.04 -11.29 -10.99
N CYS B 40 -31.91 -10.61 -11.73
CA CYS B 40 -33.19 -11.20 -12.14
C CYS B 40 -32.96 -12.39 -13.09
N GLU B 41 -32.04 -12.21 -14.03
CA GLU B 41 -31.71 -13.28 -14.95
C GLU B 41 -31.19 -14.50 -14.20
N ALA B 42 -30.39 -14.30 -13.15
CA ALA B 42 -29.90 -15.41 -12.34
C ALA B 42 -31.03 -16.16 -11.63
N TRP B 43 -31.95 -15.43 -11.00
CA TRP B 43 -33.06 -16.07 -10.35
C TRP B 43 -33.87 -16.90 -11.37
N ALA B 44 -34.02 -16.40 -12.60
CA ALA B 44 -34.76 -17.13 -13.65
C ALA B 44 -34.07 -18.43 -14.03
N GLU B 45 -32.74 -18.42 -14.07
CA GLU B 45 -31.98 -19.64 -14.33
C GLU B 45 -32.19 -20.64 -13.18
N LEU B 46 -32.35 -20.13 -11.96
CA LEU B 46 -32.67 -20.96 -10.78
C LEU B 46 -34.09 -21.53 -10.84
N GLY B 47 -34.95 -20.90 -11.64
CA GLY B 47 -36.32 -21.31 -11.74
C GLY B 47 -37.21 -20.53 -10.80
N ASP B 48 -36.64 -19.65 -10.00
CA ASP B 48 -37.41 -18.95 -8.96
C ASP B 48 -38.25 -17.80 -9.48
N ILE B 49 -37.90 -17.23 -10.63
CA ILE B 49 -38.80 -16.28 -11.27
C ILE B 49 -38.97 -16.63 -12.76
N PRO B 50 -40.18 -16.40 -13.30
CA PRO B 50 -40.48 -16.86 -14.66
C PRO B 50 -39.58 -16.23 -15.71
N LYS B 51 -39.06 -17.07 -16.59
CA LYS B 51 -38.25 -16.63 -17.72
C LYS B 51 -38.97 -15.53 -18.47
N GLU B 52 -40.26 -15.74 -18.67
CA GLU B 52 -41.12 -14.79 -19.33
C GLU B 52 -40.98 -13.39 -18.73
N ASP B 53 -41.05 -13.32 -17.41
CA ASP B 53 -40.96 -12.05 -16.70
C ASP B 53 -39.60 -11.36 -16.87
N VAL B 54 -38.52 -12.12 -16.76
CA VAL B 54 -37.16 -11.54 -16.85
C VAL B 54 -36.82 -11.10 -18.27
N LYS B 55 -37.34 -11.81 -19.26
CA LYS B 55 -37.20 -11.38 -20.65
C LYS B 55 -37.71 -9.94 -20.80
N LYS B 56 -38.87 -9.66 -20.21
CA LYS B 56 -39.46 -8.33 -20.28
C LYS B 56 -38.64 -7.30 -19.50
N ILE B 57 -38.13 -7.72 -18.35
CA ILE B 57 -37.25 -6.88 -17.55
C ILE B 57 -36.02 -6.51 -18.36
N ARG B 58 -35.34 -7.50 -18.94
CA ARG B 58 -34.14 -7.24 -19.73
C ARG B 58 -34.46 -6.33 -20.91
N GLU B 59 -35.58 -6.58 -21.55
CA GLU B 59 -35.92 -5.84 -22.75
C GLU B 59 -36.32 -4.40 -22.45
N HIS B 60 -37.05 -4.20 -21.35
CA HIS B 60 -37.72 -2.92 -21.13
C HIS B 60 -37.27 -2.10 -19.92
N ALA B 61 -36.70 -2.73 -18.91
CA ALA B 61 -36.30 -1.96 -17.74
C ALA B 61 -35.43 -0.75 -18.11
N SER B 62 -35.75 0.41 -17.55
CA SER B 62 -34.96 1.61 -17.75
C SER B 62 -35.07 2.49 -16.54
N PHE B 63 -34.66 3.76 -16.71
CA PHE B 63 -34.81 4.77 -15.67
C PHE B 63 -34.70 6.16 -16.27
N ASP B 64 -35.36 7.14 -15.65
CA ASP B 64 -35.15 8.55 -15.96
C ASP B 64 -34.38 9.14 -14.81
N ILE B 65 -33.32 9.84 -15.13
CA ILE B 65 -32.37 10.28 -14.12
C ILE B 65 -32.90 11.46 -13.26
N ASP B 66 -33.64 12.37 -13.88
CA ASP B 66 -34.26 13.48 -13.15
C ASP B 66 -35.30 13.01 -12.17
N ARG B 67 -35.99 11.94 -12.55
CA ARG B 67 -36.94 11.24 -11.69
C ARG B 67 -36.27 10.55 -10.50
N ILE B 68 -35.12 9.91 -10.70
CA ILE B 68 -34.32 9.39 -9.58
C ILE B 68 -34.13 10.49 -8.53
N TYR B 69 -33.66 11.67 -8.97
CA TYR B 69 -33.43 12.78 -8.05
C TYR B 69 -34.71 13.31 -7.42
N GLU B 70 -35.79 13.42 -8.19
CA GLU B 70 -37.08 13.79 -7.63
C GLU B 70 -37.41 12.83 -6.48
N ILE B 71 -37.39 11.53 -6.75
CA ILE B 71 -37.82 10.55 -5.75
C ILE B 71 -36.90 10.61 -4.51
N GLU B 72 -35.59 10.71 -4.72
CA GLU B 72 -34.63 10.85 -3.60
C GLU B 72 -34.94 12.03 -2.65
N LYS B 73 -35.49 13.14 -3.18
CA LYS B 73 -35.90 14.28 -2.34
C LYS B 73 -36.85 13.84 -1.22
N GLU B 74 -37.73 12.89 -1.52
CA GLU B 74 -38.66 12.37 -0.51
C GLU B 74 -38.07 11.17 0.21
N THR B 75 -37.36 10.33 -0.52
CA THR B 75 -36.91 9.05 0.00
C THR B 75 -35.70 9.21 0.91
N ARG B 76 -34.94 10.28 0.68
CA ARG B 76 -33.62 10.42 1.27
C ARG B 76 -32.84 9.10 1.20
N HIS B 77 -32.95 8.42 0.08
CA HIS B 77 -32.30 7.15 -0.11
C HIS B 77 -32.15 6.92 -1.60
N ASP B 78 -30.90 6.90 -2.08
CA ASP B 78 -30.63 6.84 -3.51
C ASP B 78 -30.95 5.50 -4.17
N VAL B 79 -30.69 4.38 -3.51
CA VAL B 79 -31.00 3.09 -4.15
C VAL B 79 -32.52 2.89 -4.25
N VAL B 80 -33.26 3.29 -3.22
CA VAL B 80 -34.71 3.22 -3.26
C VAL B 80 -35.26 4.13 -4.36
N ALA B 81 -34.74 5.36 -4.44
CA ALA B 81 -35.08 6.31 -5.51
C ALA B 81 -34.81 5.68 -6.89
N PHE B 82 -33.69 5.00 -7.03
CA PHE B 82 -33.39 4.31 -8.28
C PHE B 82 -34.37 3.19 -8.63
N THR B 83 -34.62 2.28 -7.69
CA THR B 83 -35.49 1.17 -8.00
C THR B 83 -36.93 1.66 -8.20
N ARG B 84 -37.34 2.70 -7.49
CA ARG B 84 -38.72 3.22 -7.69
C ARG B 84 -38.83 3.87 -9.07
N ALA B 85 -37.76 4.58 -9.47
CA ALA B 85 -37.68 5.14 -10.83
C ALA B 85 -37.72 4.05 -11.90
N VAL B 86 -37.03 2.93 -11.66
CA VAL B 86 -37.07 1.83 -12.61
C VAL B 86 -38.49 1.32 -12.75
N SER B 87 -39.19 1.16 -11.63
CA SER B 87 -40.63 0.74 -11.63
C SER B 87 -41.59 1.68 -12.32
N GLU B 88 -41.19 2.91 -12.54
CA GLU B 88 -42.01 3.82 -13.31
C GLU B 88 -41.81 3.71 -14.81
N THR B 89 -40.93 2.83 -15.25
CA THR B 89 -40.75 2.56 -16.68
C THR B 89 -42.07 2.09 -17.32
N PRO B 90 -42.66 2.91 -18.21
CA PRO B 90 -43.98 2.65 -18.80
C PRO B 90 -44.09 1.27 -19.45
N ALA B 91 -43.01 0.85 -20.12
CA ALA B 91 -42.98 -0.42 -20.84
C ALA B 91 -43.00 -1.65 -19.92
N LEU B 92 -42.64 -1.47 -18.65
CA LEU B 92 -42.64 -2.58 -17.68
C LEU B 92 -44.03 -2.78 -17.08
N GLY B 93 -44.48 -4.03 -17.07
CA GLY B 93 -45.75 -4.39 -16.42
C GLY B 93 -45.46 -4.87 -15.02
N GLU B 94 -46.28 -5.79 -14.51
CA GLU B 94 -46.12 -6.34 -13.17
C GLU B 94 -44.77 -7.01 -12.90
N GLU B 95 -44.05 -7.45 -13.93
CA GLU B 95 -42.70 -8.01 -13.75
C GLU B 95 -41.70 -7.11 -13.01
N ARG B 96 -42.01 -5.79 -12.94
CA ARG B 96 -41.24 -4.84 -12.14
C ARG B 96 -41.13 -5.19 -10.64
N LYS B 97 -42.09 -5.98 -10.19
CA LYS B 97 -42.12 -6.66 -8.90
C LYS B 97 -40.79 -7.31 -8.50
N TRP B 98 -40.10 -7.87 -9.47
CA TRP B 98 -38.88 -8.63 -9.25
C TRP B 98 -37.61 -7.81 -9.13
N VAL B 99 -37.65 -6.55 -9.54
CA VAL B 99 -36.45 -5.76 -9.50
C VAL B 99 -36.01 -5.61 -8.05
N HIS B 100 -34.75 -5.91 -7.79
CA HIS B 100 -34.15 -5.84 -6.43
C HIS B 100 -34.56 -6.98 -5.49
N TYR B 101 -35.19 -8.02 -6.02
CA TYR B 101 -35.71 -9.10 -5.18
C TYR B 101 -34.61 -9.86 -4.45
N GLY B 102 -34.61 -9.79 -3.12
CA GLY B 102 -33.63 -10.46 -2.26
C GLY B 102 -32.34 -9.67 -2.06
N LEU B 103 -32.20 -8.57 -2.82
CA LEU B 103 -31.01 -7.70 -2.76
C LEU B 103 -31.08 -6.66 -1.65
N THR B 104 -29.92 -6.31 -1.12
CA THR B 104 -29.73 -5.18 -0.21
C THR B 104 -29.14 -4.01 -1.02
N SER B 105 -29.23 -2.80 -0.47
CA SER B 105 -28.80 -1.60 -1.17
C SER B 105 -27.45 -1.81 -1.84
N THR B 106 -26.53 -2.44 -1.12
CA THR B 106 -25.11 -2.32 -1.42
C THR B 106 -24.61 -3.48 -2.26
N ASP B 107 -25.41 -4.55 -2.33
CA ASP B 107 -25.30 -5.53 -3.39
C ASP B 107 -25.21 -4.86 -4.76
N VAL B 108 -26.02 -3.83 -4.97
CA VAL B 108 -25.96 -3.04 -6.19
C VAL B 108 -24.78 -2.06 -6.17
N VAL B 109 -24.68 -1.27 -5.10
CA VAL B 109 -23.80 -0.11 -5.10
C VAL B 109 -22.35 -0.58 -5.12
N ASP B 110 -22.01 -1.54 -4.27
CA ASP B 110 -20.62 -2.03 -4.23
C ASP B 110 -20.22 -2.83 -5.46
N THR B 111 -21.12 -3.69 -5.93
CA THR B 111 -20.85 -4.47 -7.09
C THR B 111 -20.70 -3.54 -8.29
N ALA B 112 -21.60 -2.57 -8.45
CA ALA B 112 -21.46 -1.57 -9.53
C ALA B 112 -20.24 -0.67 -9.37
N LEU B 113 -19.88 -0.37 -8.13
CA LEU B 113 -18.70 0.44 -7.91
C LEU B 113 -17.43 -0.30 -8.38
N SER B 114 -17.32 -1.57 -8.00
CA SER B 114 -16.19 -2.38 -8.45
C SER B 114 -16.13 -2.50 -9.96
N TYR B 115 -17.30 -2.60 -10.57
CA TYR B 115 -17.41 -2.63 -12.02
C TYR B 115 -16.86 -1.36 -12.65
N ILE B 116 -17.23 -0.20 -12.08
CA ILE B 116 -16.75 1.09 -12.57
C ILE B 116 -15.27 1.22 -12.32
N LEU B 117 -14.84 0.76 -11.16
CA LEU B 117 -13.39 0.75 -10.85
C LEU B 117 -12.57 -0.12 -11.82
N LYS B 118 -13.11 -1.24 -12.23
CA LYS B 118 -12.46 -2.10 -13.23
C LYS B 118 -12.27 -1.32 -14.54
N GLN B 119 -13.29 -0.58 -14.95
CA GLN B 119 -13.14 0.27 -16.13
C GLN B 119 -12.05 1.35 -15.93
N ALA B 120 -12.03 2.00 -14.77
CA ALA B 120 -11.03 3.00 -14.46
C ALA B 120 -9.62 2.39 -14.53
N ASN B 121 -9.47 1.18 -13.99
CA ASN B 121 -8.19 0.52 -13.88
C ASN B 121 -7.59 -0.02 -15.20
N GLU B 122 -8.47 -0.42 -16.12
CA GLU B 122 -8.08 -0.72 -17.48
C GLU B 122 -7.40 0.49 -18.09
N ILE B 123 -7.99 1.67 -17.89
CA ILE B 123 -7.42 2.91 -18.39
C ILE B 123 -6.09 3.26 -17.73
N ILE B 124 -6.01 3.16 -16.40
CA ILE B 124 -4.79 3.45 -15.67
C ILE B 124 -3.67 2.46 -16.00
N LEU B 125 -3.96 1.17 -16.14
CA LEU B 125 -2.94 0.23 -16.59
C LEU B 125 -2.39 0.65 -17.96
N LYS B 126 -3.27 0.97 -18.89
CA LYS B 126 -2.86 1.48 -20.20
C LYS B 126 -1.93 2.70 -20.05
N ASP B 127 -2.31 3.64 -19.19
CA ASP B 127 -1.48 4.84 -18.96
C ASP B 127 -0.11 4.48 -18.42
N LEU B 128 -0.09 3.53 -17.48
CA LEU B 128 1.13 3.12 -16.82
C LEU B 128 2.06 2.49 -17.86
N GLU B 129 1.49 1.60 -18.65
CA GLU B 129 2.25 0.96 -19.72
C GLU B 129 2.77 1.93 -20.78
N ASN B 130 1.97 2.94 -21.17
CA ASN B 130 2.45 4.00 -22.07
C ASN B 130 3.63 4.80 -21.47
N PHE B 131 3.56 5.05 -20.17
CA PHE B 131 4.58 5.83 -19.50
C PHE B 131 5.89 5.01 -19.38
N VAL B 132 5.78 3.73 -19.05
CA VAL B 132 6.93 2.84 -19.04
C VAL B 132 7.62 2.85 -20.43
N SER B 133 6.84 2.80 -21.49
CA SER B 133 7.41 2.84 -22.82
C SER B 133 8.13 4.14 -23.12
N ILE B 134 7.51 5.26 -22.77
CA ILE B 134 8.16 6.58 -22.91
C ILE B 134 9.51 6.66 -22.16
N LEU B 135 9.54 6.14 -20.94
CA LEU B 135 10.77 6.11 -20.15
C LEU B 135 11.83 5.23 -20.84
N ALA B 136 11.42 4.07 -21.36
CA ALA B 136 12.35 3.18 -22.11
C ALA B 136 12.97 3.91 -23.31
N ASN B 137 12.16 4.56 -24.16
CA ASN B 137 12.72 5.30 -25.31
C ASN B 137 13.70 6.37 -24.88
N LYS B 138 13.35 7.12 -23.86
CA LYS B 138 14.18 8.21 -23.42
C LYS B 138 15.47 7.68 -22.83
N ALA B 139 15.40 6.57 -22.08
CA ALA B 139 16.59 5.96 -21.48
C ALA B 139 17.56 5.49 -22.58
N LYS B 140 17.00 4.89 -23.62
CA LYS B 140 17.84 4.37 -24.68
C LYS B 140 18.53 5.50 -25.41
N GLU B 141 17.80 6.58 -25.67
CA GLU B 141 18.33 7.75 -26.35
C GLU B 141 19.53 8.36 -25.60
N HIS B 142 19.49 8.31 -24.28
CA HIS B 142 20.48 9.01 -23.48
C HIS B 142 21.37 8.12 -22.66
N LYS B 143 21.44 6.87 -23.10
CA LYS B 143 22.20 5.83 -22.45
C LYS B 143 23.66 6.23 -22.12
N TYR B 144 24.29 6.98 -23.02
CA TYR B 144 25.68 7.43 -22.81
C TYR B 144 25.82 8.94 -22.65
N THR B 145 24.74 9.59 -22.21
CA THR B 145 24.76 11.05 -22.01
C THR B 145 25.36 11.31 -20.65
N ILE B 146 26.67 11.60 -20.63
CA ILE B 146 27.42 11.73 -19.37
C ILE B 146 27.02 12.98 -18.57
N MET B 147 26.92 12.81 -17.25
CA MET B 147 26.55 13.93 -16.37
C MET B 147 27.00 13.63 -14.97
N MET B 148 26.97 14.64 -14.09
CA MET B 148 27.30 14.38 -12.68
C MET B 148 26.21 13.61 -11.98
N GLY B 149 26.62 12.58 -11.23
CA GLY B 149 25.84 12.05 -10.14
C GLY B 149 25.99 12.99 -8.95
N ARG B 150 24.90 13.20 -8.23
CA ARG B 150 24.86 14.11 -7.10
C ARG B 150 24.23 13.43 -5.89
N THR B 151 24.93 13.49 -4.76
CA THR B 151 24.43 12.98 -3.50
C THR B 151 24.49 14.11 -2.48
N HIS B 152 23.41 14.24 -1.72
CA HIS B 152 23.16 15.39 -0.87
C HIS B 152 23.19 16.68 -1.66
N GLY B 153 22.76 16.62 -2.91
CA GLY B 153 22.83 17.76 -3.86
C GLY B 153 24.22 18.21 -4.33
N VAL B 154 25.27 17.47 -3.97
CA VAL B 154 26.65 17.90 -4.21
C VAL B 154 27.32 16.87 -5.14
N HIS B 155 28.29 17.31 -5.93
CA HIS B 155 28.95 16.44 -6.93
C HIS B 155 29.58 15.21 -6.27
N ALA B 156 29.24 14.06 -6.81
CA ALA B 156 29.75 12.81 -6.27
C ALA B 156 30.68 12.23 -7.37
N GLU B 157 30.13 11.41 -8.26
CA GLU B 157 30.86 10.85 -9.40
C GLU B 157 29.96 10.85 -10.61
N PRO B 158 30.55 10.71 -11.81
CA PRO B 158 29.74 10.64 -13.03
C PRO B 158 28.77 9.49 -13.13
N THR B 159 27.64 9.77 -13.79
CA THR B 159 26.72 8.75 -14.23
C THR B 159 26.24 9.15 -15.63
N THR B 160 25.12 8.57 -16.09
CA THR B 160 24.51 9.02 -17.33
C THR B 160 23.03 9.31 -17.14
N PHE B 161 22.51 10.24 -17.94
CA PHE B 161 21.11 10.56 -17.90
C PHE B 161 20.26 9.36 -18.21
N GLY B 162 20.74 8.46 -19.06
CA GLY B 162 20.05 7.24 -19.39
C GLY B 162 19.85 6.31 -18.21
N LEU B 163 20.85 6.24 -17.34
CA LEU B 163 20.75 5.40 -16.13
C LEU B 163 19.75 6.00 -15.14
N LYS B 164 19.71 7.33 -15.08
CA LYS B 164 18.70 8.06 -14.28
C LYS B 164 17.28 7.74 -14.78
N LEU B 165 17.09 7.79 -16.09
CA LEU B 165 15.82 7.40 -16.71
C LEU B 165 15.50 5.91 -16.58
N GLY B 166 16.54 5.09 -16.64
CA GLY B 166 16.36 3.66 -16.42
C GLY B 166 15.91 3.33 -15.00
N LEU B 167 16.31 4.16 -14.05
CA LEU B 167 15.89 3.99 -12.67
C LEU B 167 14.40 4.28 -12.51
N TRP B 168 13.92 5.26 -13.25
CA TRP B 168 12.50 5.59 -13.26
C TRP B 168 11.67 4.49 -13.93
N TYR B 169 12.21 3.95 -15.02
CA TYR B 169 11.65 2.84 -15.75
C TYR B 169 11.40 1.62 -14.87
N GLU B 170 12.42 1.22 -14.13
CA GLU B 170 12.32 0.08 -13.28
C GLU B 170 11.41 0.39 -12.07
N GLU B 171 11.41 1.61 -11.59
CA GLU B 171 10.45 2.00 -10.53
C GLU B 171 9.02 1.85 -11.02
N MET B 172 8.75 2.30 -12.23
CA MET B 172 7.43 2.19 -12.80
C MET B 172 7.04 0.75 -13.09
N LYS B 173 7.99 -0.11 -13.43
CA LYS B 173 7.73 -1.55 -13.52
C LYS B 173 7.33 -2.16 -12.19
N ARG B 174 8.01 -1.78 -11.11
CA ARG B 174 7.55 -2.18 -9.78
C ARG B 174 6.11 -1.69 -9.49
N ASN B 175 5.83 -0.44 -9.85
CA ASN B 175 4.49 0.11 -9.70
C ASN B 175 3.41 -0.54 -10.55
N VAL B 176 3.74 -0.99 -11.74
CA VAL B 176 2.80 -1.75 -12.58
C VAL B 176 2.40 -3.07 -11.91
N GLU B 177 3.35 -3.78 -11.33
CA GLU B 177 3.05 -5.02 -10.64
C GLU B 177 2.21 -4.75 -9.36
N ARG B 178 2.58 -3.70 -8.62
CA ARG B 178 1.78 -3.23 -7.48
C ARG B 178 0.35 -2.90 -7.89
N PHE B 179 0.21 -2.20 -9.02
CA PHE B 179 -1.08 -1.83 -9.53
C PHE B 179 -1.92 -3.01 -9.93
N LYS B 180 -1.31 -4.03 -10.54
CA LYS B 180 -2.07 -5.20 -10.90
C LYS B 180 -2.62 -5.90 -9.63
N GLN B 181 -1.83 -5.93 -8.58
CA GLN B 181 -2.31 -6.50 -7.32
C GLN B 181 -3.46 -5.70 -6.70
N ALA B 182 -3.32 -4.38 -6.74
CA ALA B 182 -4.31 -3.47 -6.17
C ALA B 182 -5.64 -3.47 -6.95
N ALA B 183 -5.52 -3.47 -8.28
CA ALA B 183 -6.67 -3.54 -9.18
C ALA B 183 -7.44 -4.83 -8.90
N ASN B 184 -6.69 -5.88 -8.64
CA ASN B 184 -7.30 -7.18 -8.37
C ASN B 184 -8.02 -7.28 -7.04
N THR B 185 -7.46 -6.66 -5.99
CA THR B 185 -8.11 -6.68 -4.70
C THR B 185 -9.48 -5.97 -4.68
N VAL B 186 -9.71 -5.02 -5.57
CA VAL B 186 -11.02 -4.35 -5.71
C VAL B 186 -11.85 -4.88 -6.89
N ARG B 187 -11.39 -5.92 -7.58
CA ARG B 187 -12.14 -6.53 -8.71
C ARG B 187 -13.06 -7.63 -8.17
N VAL B 188 -13.96 -7.20 -7.28
CA VAL B 188 -14.82 -8.11 -6.53
CA VAL B 188 -14.82 -8.12 -6.55
C VAL B 188 -16.18 -7.48 -6.35
N GLY B 189 -17.20 -8.34 -6.37
CA GLY B 189 -18.59 -7.97 -6.18
C GLY B 189 -19.18 -8.77 -5.05
N LYS B 190 -20.37 -8.38 -4.63
CA LYS B 190 -21.09 -9.12 -3.60
C LYS B 190 -22.59 -8.95 -3.82
N LEU B 191 -23.32 -10.06 -3.65
CA LEU B 191 -24.77 -10.05 -3.65
C LEU B 191 -25.31 -11.07 -2.65
N SER B 192 -25.05 -10.82 -1.37
CA SER B 192 -25.29 -11.79 -0.30
C SER B 192 -26.42 -11.36 0.66
N GLY B 193 -27.11 -10.28 0.29
CA GLY B 193 -28.26 -9.80 1.07
C GLY B 193 -27.86 -8.93 2.25
N ALA B 194 -28.85 -8.58 3.06
CA ALA B 194 -28.74 -7.55 4.11
C ALA B 194 -27.48 -7.59 4.96
N VAL B 195 -27.12 -8.75 5.48
CA VAL B 195 -25.92 -8.90 6.32
C VAL B 195 -24.97 -9.99 5.87
N GLY B 196 -25.10 -10.41 4.61
CA GLY B 196 -24.06 -11.19 3.96
C GLY B 196 -24.30 -12.68 4.08
N THR B 197 -25.54 -13.06 4.35
CA THR B 197 -25.85 -14.40 4.84
C THR B 197 -26.44 -15.27 3.74
N TYR B 198 -26.88 -14.63 2.66
CA TYR B 198 -27.61 -15.33 1.61
C TYR B 198 -28.98 -15.77 2.10
N ALA B 199 -29.43 -15.20 3.21
CA ALA B 199 -30.71 -15.58 3.82
C ALA B 199 -31.87 -15.35 2.84
N ASN B 200 -31.78 -14.26 2.07
CA ASN B 200 -32.84 -13.84 1.16
C ASN B 200 -32.49 -14.01 -0.32
N ILE B 201 -31.31 -14.52 -0.61
CA ILE B 201 -30.80 -14.48 -1.98
C ILE B 201 -29.87 -15.67 -2.21
N ASP B 202 -30.26 -16.53 -3.15
CA ASP B 202 -29.51 -17.74 -3.41
C ASP B 202 -28.08 -17.39 -3.82
N PRO B 203 -27.09 -18.11 -3.25
CA PRO B 203 -25.68 -17.87 -3.56
C PRO B 203 -25.31 -17.85 -5.05
N PHE B 204 -26.11 -18.52 -5.87
CA PHE B 204 -25.88 -18.59 -7.30
C PHE B 204 -26.04 -17.22 -7.97
N VAL B 205 -26.95 -16.39 -7.47
CA VAL B 205 -27.20 -15.08 -8.10
C VAL B 205 -25.90 -14.25 -8.18
N GLU B 206 -25.23 -14.13 -7.03
CA GLU B 206 -23.93 -13.48 -6.91
C GLU B 206 -22.90 -13.98 -7.94
N LYS B 207 -22.74 -15.30 -7.99
CA LYS B 207 -21.79 -15.96 -8.89
C LYS B 207 -22.09 -15.59 -10.31
N TYR B 208 -23.36 -15.67 -10.68
CA TYR B 208 -23.84 -15.31 -12.01
C TYR B 208 -23.57 -13.86 -12.35
N VAL B 209 -23.91 -12.97 -11.43
CA VAL B 209 -23.76 -11.54 -11.68
C VAL B 209 -22.29 -11.16 -11.82
N CYS B 210 -21.45 -11.62 -10.90
CA CYS B 210 -20.03 -11.25 -10.86
C CYS B 210 -19.33 -11.72 -12.12
N GLU B 211 -19.57 -12.98 -12.47
CA GLU B 211 -18.98 -13.55 -13.68
C GLU B 211 -19.37 -12.75 -14.91
N ASN B 212 -20.63 -12.35 -15.01
CA ASN B 212 -21.06 -11.53 -16.14
C ASN B 212 -20.46 -10.11 -16.17
N LEU B 213 -20.01 -9.60 -15.03
CA LEU B 213 -19.36 -8.29 -14.96
C LEU B 213 -17.83 -8.38 -14.92
N GLY B 214 -17.29 -9.58 -14.98
CA GLY B 214 -15.85 -9.73 -14.93
C GLY B 214 -15.26 -9.48 -13.56
N LEU B 215 -16.05 -9.77 -12.52
CA LEU B 215 -15.65 -9.60 -11.14
C LEU B 215 -15.56 -10.95 -10.45
N GLU B 216 -14.68 -11.07 -9.47
CA GLU B 216 -14.72 -12.19 -8.54
C GLU B 216 -15.85 -11.97 -7.56
N ALA B 217 -16.36 -13.04 -7.00
CA ALA B 217 -17.39 -12.97 -5.96
C ALA B 217 -16.66 -13.00 -4.62
N ALA B 218 -16.95 -12.05 -3.74
CA ALA B 218 -16.39 -12.08 -2.38
C ALA B 218 -16.71 -13.44 -1.74
N PRO B 219 -15.69 -14.16 -1.23
CA PRO B 219 -15.95 -15.46 -0.57
C PRO B 219 -16.83 -15.35 0.68
N ILE B 220 -16.63 -14.29 1.44
CA ILE B 220 -17.54 -13.96 2.53
C ILE B 220 -17.70 -12.44 2.53
N SER B 221 -18.93 -11.96 2.76
CA SER B 221 -19.21 -10.54 2.87
C SER B 221 -20.18 -10.19 4.01
N THR B 222 -20.36 -8.91 4.25
CA THR B 222 -21.47 -8.43 5.08
C THR B 222 -22.58 -7.83 4.23
N GLN B 223 -22.98 -6.60 4.56
CA GLN B 223 -23.78 -5.80 3.65
C GLN B 223 -22.90 -5.10 2.61
N THR B 224 -21.63 -4.95 2.93
CA THR B 224 -20.68 -4.30 2.04
C THR B 224 -19.47 -5.19 1.78
N LEU B 225 -18.70 -4.85 0.74
CA LEU B 225 -17.32 -5.31 0.63
C LEU B 225 -16.48 -4.67 1.75
N GLN B 226 -15.41 -5.34 2.15
CA GLN B 226 -14.52 -4.85 3.23
C GLN B 226 -13.56 -3.82 2.67
N ARG B 227 -13.34 -2.76 3.45
CA ARG B 227 -12.65 -1.60 2.94
C ARG B 227 -11.13 -1.64 3.03
N ASP B 228 -10.59 -2.72 3.58
CA ASP B 228 -9.17 -3.00 3.44
C ASP B 228 -8.79 -3.01 1.94
N ARG B 229 -9.70 -3.48 1.10
CA ARG B 229 -9.46 -3.53 -0.33
C ARG B 229 -9.26 -2.15 -0.94
N HIS B 230 -10.13 -1.24 -0.60
CA HIS B 230 -10.11 0.11 -1.17
C HIS B 230 -8.95 0.90 -0.61
N ALA B 231 -8.53 0.60 0.63
CA ALA B 231 -7.33 1.19 1.21
C ALA B 231 -6.04 0.73 0.53
N HIS B 232 -5.87 -0.57 0.36
CA HIS B 232 -4.79 -1.11 -0.50
C HIS B 232 -4.78 -0.40 -1.85
N TYR B 233 -5.93 -0.35 -2.49
CA TYR B 233 -6.05 0.28 -3.76
C TYR B 233 -5.59 1.73 -3.75
N MET B 234 -6.09 2.52 -2.83
CA MET B 234 -5.74 3.94 -2.81
C MET B 234 -4.27 4.15 -2.46
N SER B 235 -3.70 3.29 -1.62
CA SER B 235 -2.29 3.44 -1.26
C SER B 235 -1.42 3.25 -2.51
N THR B 236 -1.87 2.39 -3.42
CA THR B 236 -1.12 2.11 -4.66
C THR B 236 -1.24 3.28 -5.64
N LEU B 237 -2.43 3.85 -5.79
CA LEU B 237 -2.60 5.11 -6.56
C LEU B 237 -1.68 6.23 -6.05
N ALA B 238 -1.63 6.40 -4.73
CA ALA B 238 -0.78 7.41 -4.12
C ALA B 238 0.70 7.10 -4.28
N LEU B 239 1.04 5.82 -4.23
CA LEU B 239 2.43 5.46 -4.46
C LEU B 239 2.88 5.80 -5.89
N ILE B 240 2.06 5.50 -6.90
CA ILE B 240 2.35 5.90 -8.27
C ILE B 240 2.51 7.42 -8.43
N ALA B 241 1.57 8.17 -7.88
CA ALA B 241 1.63 9.62 -7.86
C ALA B 241 2.94 10.10 -7.21
N THR B 242 3.34 9.44 -6.13
CA THR B 242 4.52 9.89 -5.38
C THR B 242 5.83 9.59 -6.13
N SER B 243 5.85 8.45 -6.84
CA SER B 243 6.92 8.13 -7.81
C SER B 243 7.03 9.19 -8.89
N ILE B 244 5.89 9.64 -9.40
CA ILE B 244 5.87 10.71 -10.38
C ILE B 244 6.39 12.02 -9.76
N GLU B 245 5.99 12.32 -8.51
CA GLU B 245 6.55 13.48 -7.84
C GLU B 245 8.08 13.41 -7.82
N LYS B 246 8.64 12.28 -7.43
CA LYS B 246 10.08 12.12 -7.35
C LYS B 246 10.78 12.49 -8.68
N MET B 247 10.21 12.04 -9.78
CA MET B 247 10.78 12.29 -11.11
C MET B 247 10.60 13.78 -11.46
N ALA B 248 9.46 14.33 -11.08
CA ALA B 248 9.13 15.73 -11.30
C ALA B 248 10.10 16.65 -10.54
N VAL B 249 10.43 16.29 -9.30
CA VAL B 249 11.37 17.05 -8.50
C VAL B 249 12.77 17.02 -9.13
N GLU B 250 13.17 15.88 -9.69
CA GLU B 250 14.41 15.77 -10.46
C GLU B 250 14.43 16.69 -11.68
N ILE B 251 13.38 16.69 -12.49
CA ILE B 251 13.34 17.63 -13.62
C ILE B 251 13.48 19.08 -13.15
N ARG B 252 12.75 19.43 -12.08
CA ARG B 252 12.80 20.77 -11.51
C ARG B 252 14.22 21.11 -11.05
N GLY B 253 14.90 20.16 -10.41
CA GLY B 253 16.28 20.35 -9.98
C GLY B 253 17.25 20.58 -11.14
N LEU B 254 17.16 19.73 -12.14
CA LEU B 254 18.05 19.84 -13.31
C LEU B 254 17.80 21.09 -14.19
N GLN B 255 16.59 21.65 -14.14
CA GLN B 255 16.25 22.88 -14.89
C GLN B 255 16.66 24.15 -14.16
N LYS B 256 17.11 24.06 -12.91
CA LYS B 256 17.55 25.26 -12.22
C LYS B 256 18.67 25.98 -12.97
N SER B 257 18.68 27.31 -12.91
CA SER B 257 19.45 28.12 -13.86
C SER B 257 20.96 27.85 -13.83
N GLU B 258 21.49 27.53 -12.65
CA GLU B 258 22.93 27.32 -12.49
C GLU B 258 23.39 26.05 -13.20
N THR B 259 22.44 25.17 -13.51
CA THR B 259 22.77 23.82 -13.95
C THR B 259 22.20 23.53 -15.33
N ARG B 260 20.92 23.83 -15.51
CA ARG B 260 20.29 23.79 -16.83
C ARG B 260 20.77 22.59 -17.63
N GLU B 261 20.50 21.40 -17.11
CA GLU B 261 20.85 20.20 -17.80
C GLU B 261 19.66 19.66 -18.58
N VAL B 262 18.48 20.22 -18.28
CA VAL B 262 17.23 19.78 -18.85
C VAL B 262 16.30 21.02 -18.85
N GLU B 263 15.37 21.08 -19.79
CA GLU B 263 14.28 22.04 -19.74
C GLU B 263 13.01 21.43 -20.33
N GLU B 264 11.88 21.70 -19.67
CA GLU B 264 10.59 21.30 -20.22
C GLU B 264 10.45 22.00 -21.56
N ALA B 265 9.79 21.35 -22.50
CA ALA B 265 9.54 21.89 -23.85
C ALA B 265 8.72 23.17 -23.72
N PHE B 266 9.14 24.20 -24.46
CA PHE B 266 8.56 25.54 -24.36
C PHE B 266 8.02 25.85 -25.75
N ALA B 267 6.71 26.11 -25.84
CA ALA B 267 6.02 26.10 -27.11
C ALA B 267 6.05 27.48 -27.73
N LYS B 268 5.90 27.53 -29.05
CA LYS B 268 5.76 28.80 -29.76
C LYS B 268 4.54 29.49 -29.18
N GLY B 269 4.67 30.76 -28.79
CA GLY B 269 3.53 31.50 -28.25
C GLY B 269 3.33 31.36 -26.76
N GLN B 270 4.05 30.43 -26.14
CA GLN B 270 4.03 30.27 -24.69
C GLN B 270 4.66 31.47 -24.00
N LYS B 271 4.12 31.84 -22.84
CA LYS B 271 4.72 32.86 -22.01
C LYS B 271 4.98 32.35 -20.60
N GLY B 272 6.20 32.59 -20.10
CA GLY B 272 6.69 31.89 -18.92
C GLY B 272 6.28 32.57 -17.64
N SER B 273 5.99 33.86 -17.72
CA SER B 273 5.62 34.65 -16.55
C SER B 273 4.93 35.93 -17.02
N SER B 274 4.20 36.61 -16.12
CA SER B 274 3.50 37.83 -16.52
C SER B 274 4.45 39.04 -16.62
N ALA B 275 5.51 39.03 -15.82
CA ALA B 275 6.39 40.20 -15.64
C ALA B 275 7.83 40.01 -16.19
N MET B 276 8.26 38.77 -16.41
CA MET B 276 9.67 38.49 -16.75
C MET B 276 9.71 37.68 -18.03
N PRO B 277 9.79 38.37 -19.19
CA PRO B 277 9.76 37.67 -20.48
C PRO B 277 10.81 36.59 -20.68
N HIS B 278 11.91 36.63 -19.93
CA HIS B 278 12.96 35.62 -20.07
C HIS B 278 12.66 34.26 -19.48
N LYS B 279 11.58 34.13 -18.71
CA LYS B 279 11.35 32.87 -17.98
C LYS B 279 10.93 31.66 -18.83
N ARG B 280 11.54 30.54 -18.49
CA ARG B 280 11.12 29.21 -18.92
C ARG B 280 11.20 28.33 -17.68
N ASN B 281 10.05 27.80 -17.25
CA ASN B 281 9.87 27.18 -15.92
C ASN B 281 9.49 25.73 -16.07
N PRO B 282 9.90 24.89 -15.11
CA PRO B 282 9.41 23.49 -15.11
C PRO B 282 7.98 23.38 -14.56
N ILE B 283 7.04 23.98 -15.25
CA ILE B 283 5.67 24.11 -14.72
C ILE B 283 4.94 22.80 -14.68
N GLY B 284 5.18 21.95 -15.66
CA GLY B 284 4.47 20.66 -15.69
C GLY B 284 4.82 19.84 -14.48
N SER B 285 6.11 19.78 -14.22
CA SER B 285 6.68 19.06 -13.09
C SER B 285 6.15 19.58 -11.73
N GLU B 286 6.06 20.89 -11.62
CA GLU B 286 5.54 21.57 -10.43
C GLU B 286 4.08 21.21 -10.20
N ASN B 287 3.31 21.20 -11.28
CA ASN B 287 1.95 20.74 -11.26
C ASN B 287 1.80 19.30 -10.77
N MET B 288 2.61 18.37 -11.28
CA MET B 288 2.55 16.99 -10.82
C MET B 288 2.81 16.88 -9.31
N THR B 289 3.74 17.69 -8.81
CA THR B 289 4.10 17.68 -7.41
C THR B 289 2.87 18.00 -6.53
N GLY B 290 2.13 19.05 -6.91
CA GLY B 290 0.94 19.41 -6.19
C GLY B 290 -0.13 18.35 -6.18
N LEU B 291 -0.36 17.71 -7.32
CA LEU B 291 -1.40 16.67 -7.40
C LEU B 291 -1.07 15.41 -6.59
N ALA B 292 0.22 15.06 -6.53
CA ALA B 292 0.72 13.94 -5.70
C ALA B 292 0.38 14.17 -4.25
N ARG B 293 0.59 15.41 -3.79
CA ARG B 293 0.19 15.80 -2.43
C ARG B 293 -1.31 15.52 -2.17
N VAL B 294 -2.16 15.92 -3.12
CA VAL B 294 -3.60 15.71 -3.02
C VAL B 294 -3.92 14.23 -2.87
N ILE B 295 -3.28 13.41 -3.70
CA ILE B 295 -3.58 11.96 -3.71
C ILE B 295 -3.14 11.27 -2.42
N ARG B 296 -2.05 11.74 -1.85
CA ARG B 296 -1.58 11.20 -0.58
C ARG B 296 -2.62 11.49 0.51
N GLY B 297 -3.26 12.66 0.43
CA GLY B 297 -4.38 12.96 1.32
C GLY B 297 -5.54 11.98 1.19
N TYR B 298 -5.88 11.62 -0.06
CA TYR B 298 -6.93 10.66 -0.33
C TYR B 298 -6.62 9.27 0.21
N MET B 299 -5.33 8.92 0.25
CA MET B 299 -4.91 7.64 0.84
C MET B 299 -5.17 7.62 2.35
N MET B 300 -4.88 8.70 3.06
CA MET B 300 -5.19 8.77 4.47
C MET B 300 -6.70 8.59 4.70
N THR B 301 -7.49 9.23 3.85
CA THR B 301 -8.95 9.14 3.96
C THR B 301 -9.38 7.70 3.82
N ALA B 302 -8.79 7.00 2.86
CA ALA B 302 -9.19 5.64 2.56
C ALA B 302 -8.89 4.70 3.72
N TYR B 303 -7.76 4.93 4.37
CA TYR B 303 -7.40 4.13 5.53
C TYR B 303 -8.37 4.34 6.69
N GLU B 304 -8.85 5.58 6.86
CA GLU B 304 -9.79 5.92 7.93
C GLU B 304 -11.17 5.32 7.64
N ASN B 305 -11.43 4.93 6.39
CA ASN B 305 -12.67 4.25 6.00
C ASN B 305 -12.69 2.77 6.36
N VAL B 306 -11.57 2.18 6.78
CA VAL B 306 -11.53 0.73 7.03
C VAL B 306 -12.35 0.28 8.27
N PRO B 307 -12.19 0.95 9.43
CA PRO B 307 -12.90 0.56 10.68
C PRO B 307 -14.43 0.91 10.73
N LEU B 308 -15.17 0.32 9.81
CA LEU B 308 -16.62 0.41 9.77
C LEU B 308 -17.23 -0.44 10.89
N TRP B 309 -18.41 -0.02 11.37
CA TRP B 309 -19.07 -0.73 12.47
C TRP B 309 -19.84 -1.94 12.03
N HIS B 310 -19.60 -3.06 12.74
CA HIS B 310 -20.38 -4.27 12.59
C HIS B 310 -20.51 -4.71 11.13
N GLU B 311 -21.73 -4.93 10.64
CA GLU B 311 -21.90 -5.43 9.29
C GLU B 311 -21.93 -4.29 8.23
N ARG B 312 -21.72 -3.07 8.74
CA ARG B 312 -21.34 -1.85 8.01
C ARG B 312 -21.90 -0.57 8.66
N ASP B 313 -21.18 0.55 8.45
CA ASP B 313 -21.79 1.87 8.52
C ASP B 313 -21.49 2.55 7.17
N ILE B 314 -22.18 3.65 6.88
CA ILE B 314 -22.10 4.28 5.57
C ILE B 314 -21.16 5.48 5.50
N SER B 315 -20.37 5.68 6.56
CA SER B 315 -19.38 6.75 6.61
C SER B 315 -18.43 6.73 5.41
N HIS B 316 -18.07 5.55 4.93
CA HIS B 316 -17.13 5.47 3.78
C HIS B 316 -17.70 6.04 2.49
N SER B 317 -19.03 6.01 2.37
CA SER B 317 -19.70 6.38 1.12
C SER B 317 -19.44 7.83 0.70
N SER B 318 -19.71 8.75 1.62
CA SER B 318 -19.50 10.17 1.31
C SER B 318 -18.05 10.45 0.96
N ALA B 319 -17.16 9.85 1.73
CA ALA B 319 -15.72 9.93 1.46
C ALA B 319 -15.35 9.33 0.06
N GLU B 320 -15.87 8.16 -0.25
CA GLU B 320 -15.56 7.50 -1.56
C GLU B 320 -16.09 8.25 -2.78
N ARG B 321 -17.21 8.94 -2.61
CA ARG B 321 -17.74 9.78 -3.66
C ARG B 321 -16.78 10.88 -4.05
N VAL B 322 -15.95 11.34 -3.09
CA VAL B 322 -14.94 12.33 -3.38
C VAL B 322 -13.70 11.61 -3.91
N ILE B 323 -13.14 10.71 -3.13
CA ILE B 323 -11.78 10.26 -3.39
C ILE B 323 -11.62 9.27 -4.54
N LEU B 324 -12.62 8.46 -4.81
CA LEU B 324 -12.41 7.45 -5.85
C LEU B 324 -12.38 8.06 -7.28
N PRO B 325 -13.40 8.85 -7.64
CA PRO B 325 -13.29 9.59 -8.90
C PRO B 325 -12.11 10.54 -8.93
N ASP B 326 -11.89 11.29 -7.86
CA ASP B 326 -10.88 12.35 -7.89
C ASP B 326 -9.46 11.75 -8.01
N ALA B 327 -9.19 10.66 -7.32
CA ALA B 327 -7.85 10.03 -7.39
C ALA B 327 -7.57 9.40 -8.77
N THR B 328 -8.54 8.67 -9.30
CA THR B 328 -8.40 8.03 -10.62
C THR B 328 -8.31 9.06 -11.75
N ILE B 329 -9.10 10.12 -11.66
CA ILE B 329 -9.03 11.18 -12.65
C ILE B 329 -7.66 11.87 -12.61
N ALA B 330 -7.20 12.19 -11.39
CA ALA B 330 -5.95 12.90 -11.19
C ALA B 330 -4.71 12.07 -11.64
N LEU B 331 -4.72 10.78 -11.35
CA LEU B 331 -3.63 9.90 -11.74
C LEU B 331 -3.57 9.70 -13.27
N ASN B 332 -4.71 9.46 -13.90
CA ASN B 332 -4.80 9.43 -15.36
C ASN B 332 -4.26 10.73 -15.99
N TYR B 333 -4.63 11.87 -15.42
CA TYR B 333 -4.10 13.14 -15.91
C TYR B 333 -2.56 13.24 -15.72
N MET B 334 -2.10 12.83 -14.54
CA MET B 334 -0.69 12.89 -14.21
C MET B 334 0.12 11.95 -15.13
N LEU B 335 -0.34 10.72 -15.31
CA LEU B 335 0.42 9.78 -16.12
C LEU B 335 0.56 10.26 -17.55
N ASN B 336 -0.52 10.80 -18.09
CA ASN B 336 -0.51 11.37 -19.44
C ASN B 336 0.30 12.66 -19.57
N ARG B 337 0.09 13.61 -18.67
CA ARG B 337 0.80 14.87 -18.74
C ARG B 337 2.29 14.71 -18.50
N PHE B 338 2.64 13.96 -17.47
CA PHE B 338 4.05 13.80 -17.17
C PHE B 338 4.75 12.93 -18.21
N GLY B 339 4.09 11.95 -18.78
CA GLY B 339 4.69 11.17 -19.86
C GLY B 339 5.05 12.05 -21.05
N ASN B 340 4.20 13.00 -21.38
CA ASN B 340 4.48 13.96 -22.39
C ASN B 340 5.59 14.90 -22.06
N ILE B 341 5.65 15.32 -20.80
CA ILE B 341 6.77 16.14 -20.35
C ILE B 341 8.12 15.45 -20.58
N VAL B 342 8.23 14.20 -20.14
CA VAL B 342 9.44 13.42 -20.34
C VAL B 342 9.72 13.22 -21.83
N LYS B 343 8.73 12.75 -22.57
CA LYS B 343 8.87 12.54 -24.02
C LYS B 343 9.44 13.77 -24.69
N ASN B 344 8.86 14.93 -24.42
CA ASN B 344 9.19 16.15 -25.15
C ASN B 344 10.33 16.93 -24.51
N LEU B 345 10.93 16.34 -23.48
CA LEU B 345 11.88 17.06 -22.63
C LEU B 345 13.15 17.40 -23.39
N THR B 346 13.68 18.60 -23.15
CA THR B 346 14.92 19.03 -23.79
C THR B 346 16.12 18.71 -22.91
N VAL B 347 17.12 18.04 -23.49
CA VAL B 347 18.32 17.67 -22.77
C VAL B 347 19.49 18.49 -23.33
N TYR B 348 20.35 18.97 -22.43
CA TYR B 348 21.53 19.72 -22.79
C TYR B 348 22.81 18.98 -22.39
N PRO B 349 23.27 17.99 -23.20
CA PRO B 349 24.49 17.26 -22.84
C PRO B 349 25.75 18.10 -22.71
N GLU B 350 25.83 19.19 -23.47
CA GLU B 350 26.93 20.15 -23.35
C GLU B 350 26.93 20.89 -22.00
N ASN B 351 25.75 21.23 -21.50
CA ASN B 351 25.67 21.76 -20.14
C ASN B 351 26.07 20.72 -19.07
N MET B 352 25.63 19.48 -19.26
CA MET B 352 25.96 18.39 -18.39
C MET B 352 27.47 18.23 -18.32
N LYS B 353 28.13 18.23 -19.48
CA LYS B 353 29.61 18.10 -19.51
C LYS B 353 30.28 19.32 -18.85
N ARG B 354 29.81 20.52 -19.18
CA ARG B 354 30.33 21.74 -18.58
C ARG B 354 30.29 21.66 -17.06
N ASN B 355 29.14 21.25 -16.52
CA ASN B 355 28.96 21.18 -15.07
C ASN B 355 29.90 20.21 -14.38
N MET B 356 30.29 19.11 -15.05
CA MET B 356 31.25 18.15 -14.45
C MET B 356 32.60 18.80 -14.18
N THR B 357 32.84 19.90 -14.88
CA THR B 357 34.08 20.67 -14.77
C THR B 357 34.16 21.63 -13.56
N ARG B 358 33.06 21.87 -12.89
CA ARG B 358 32.97 23.04 -12.03
C ARG B 358 33.46 22.83 -10.62
N THR B 359 33.79 21.58 -10.28
CA THR B 359 34.31 21.26 -8.96
C THR B 359 35.78 20.79 -9.03
N TYR B 360 36.49 21.29 -10.04
CA TYR B 360 37.96 21.25 -10.09
C TYR B 360 38.55 19.86 -10.20
N GLY B 361 37.75 18.94 -10.72
CA GLY B 361 38.14 17.53 -10.81
C GLY B 361 38.06 16.77 -9.50
N LEU B 362 37.44 17.37 -8.48
CA LEU B 362 37.36 16.73 -7.15
C LEU B 362 36.60 15.42 -7.16
N ILE B 363 35.73 15.28 -8.14
CA ILE B 363 34.93 14.06 -8.30
C ILE B 363 35.78 12.79 -8.48
N TYR B 364 37.07 12.94 -8.72
CA TYR B 364 37.96 11.80 -8.93
C TYR B 364 38.74 11.47 -7.66
N SER B 365 38.36 12.09 -6.54
CA SER B 365 39.02 11.86 -5.25
C SER B 365 39.00 10.39 -4.84
N GLN B 366 37.88 9.70 -5.04
CA GLN B 366 37.75 8.29 -4.66
C GLN B 366 38.72 7.44 -5.49
N ARG B 367 38.82 7.74 -6.78
CA ARG B 367 39.69 6.96 -7.64
C ARG B 367 41.17 7.10 -7.26
N VAL B 368 41.58 8.27 -6.81
CA VAL B 368 42.95 8.43 -6.39
C VAL B 368 43.15 7.64 -5.09
N MET B 369 42.24 7.81 -4.12
CA MET B 369 42.35 7.07 -2.84
C MET B 369 42.43 5.54 -3.01
N LEU B 370 41.53 4.99 -3.81
CA LEU B 370 41.50 3.54 -4.07
C LEU B 370 42.77 3.04 -4.75
N THR B 371 43.30 3.83 -5.68
CA THR B 371 44.55 3.45 -6.36
C THR B 371 45.71 3.47 -5.36
N LEU B 372 45.67 4.40 -4.41
CA LEU B 372 46.69 4.48 -3.35
C LEU B 372 46.64 3.25 -2.46
N ILE B 373 45.42 2.77 -2.19
CA ILE B 373 45.24 1.51 -1.44
C ILE B 373 45.79 0.35 -2.27
N ASP B 374 45.51 0.35 -3.57
CA ASP B 374 46.07 -0.68 -4.48
C ASP B 374 47.59 -0.75 -4.36
N LYS B 375 48.21 0.40 -4.16
CA LYS B 375 49.67 0.46 -4.05
C LYS B 375 50.19 0.24 -2.62
N GLY B 376 49.32 -0.05 -1.66
CA GLY B 376 49.75 -0.47 -0.33
C GLY B 376 49.30 0.38 0.85
N MET B 377 48.76 1.56 0.61
CA MET B 377 48.30 2.42 1.71
C MET B 377 47.06 1.83 2.39
N VAL B 378 47.00 2.01 3.70
CA VAL B 378 45.85 1.64 4.50
C VAL B 378 44.75 2.69 4.18
N ARG B 379 43.48 2.36 4.38
CA ARG B 379 42.38 3.25 3.91
C ARG B 379 42.44 4.63 4.57
N GLU B 380 42.65 4.67 5.88
CA GLU B 380 42.61 5.95 6.57
C GLU B 380 43.77 6.81 6.15
N GLU B 381 44.89 6.18 5.80
CA GLU B 381 46.08 6.90 5.33
C GLU B 381 45.80 7.53 3.95
N ALA B 382 45.29 6.72 3.03
CA ALA B 382 44.93 7.19 1.68
C ALA B 382 43.89 8.33 1.77
N TYR B 383 42.83 8.10 2.54
CA TYR B 383 41.76 9.08 2.67
C TYR B 383 42.32 10.42 3.18
N ASP B 384 43.12 10.34 4.23
CA ASP B 384 43.66 11.52 4.91
C ASP B 384 44.84 12.20 4.16
N ILE B 385 45.47 11.51 3.22
CA ILE B 385 46.32 12.20 2.23
C ILE B 385 45.46 12.98 1.21
N VAL B 386 44.37 12.37 0.77
CA VAL B 386 43.58 12.93 -0.32
C VAL B 386 42.64 14.05 0.19
N GLN B 387 42.06 13.91 1.37
CA GLN B 387 41.06 14.90 1.83
C GLN B 387 41.53 16.36 1.88
N PRO B 388 42.74 16.61 2.43
CA PRO B 388 43.23 17.98 2.54
C PRO B 388 43.44 18.63 1.16
N LYS B 389 43.95 17.84 0.20
CA LYS B 389 44.14 18.33 -1.18
C LYS B 389 42.81 18.70 -1.80
N ALA B 390 41.83 17.82 -1.60
CA ALA B 390 40.45 18.09 -1.99
C ALA B 390 39.96 19.41 -1.38
N MET B 391 40.08 19.54 -0.07
CA MET B 391 39.61 20.76 0.62
C MET B 391 40.43 21.97 0.23
N GLU B 392 41.72 21.77 -0.07
CA GLU B 392 42.55 22.83 -0.60
C GLU B 392 42.04 23.31 -1.94
N ALA B 393 41.62 22.39 -2.82
CA ALA B 393 41.11 22.78 -4.13
C ALA B 393 39.81 23.60 -4.01
N TRP B 394 38.88 23.13 -3.17
CA TRP B 394 37.65 23.90 -2.85
C TRP B 394 37.97 25.35 -2.44
N GLU B 395 38.94 25.49 -1.56
CA GLU B 395 39.30 26.78 -0.97
C GLU B 395 40.04 27.68 -1.97
N THR B 396 40.76 27.06 -2.90
CA THR B 396 41.80 27.77 -3.66
C THR B 396 41.54 27.90 -5.18
N GLN B 397 40.53 27.20 -5.70
CA GLN B 397 40.18 27.22 -7.13
C GLN B 397 41.26 26.64 -8.06
N VAL B 398 42.16 25.82 -7.52
CA VAL B 398 43.16 25.13 -8.33
C VAL B 398 42.67 23.71 -8.59
N GLN B 399 43.08 23.15 -9.72
CA GLN B 399 42.67 21.81 -10.13
C GLN B 399 43.19 20.74 -9.18
N PHE B 400 42.31 19.82 -8.81
CA PHE B 400 42.65 18.71 -7.93
C PHE B 400 43.81 17.89 -8.49
N LYS B 401 43.83 17.73 -9.80
CA LYS B 401 44.82 16.88 -10.48
C LYS B 401 46.24 17.41 -10.29
N GLU B 402 46.37 18.72 -10.45
CA GLU B 402 47.61 19.43 -10.20
C GLU B 402 48.07 19.26 -8.75
N LEU B 403 47.15 19.32 -7.79
CA LEU B 403 47.53 19.15 -6.38
C LEU B 403 48.01 17.71 -6.14
N VAL B 404 47.36 16.76 -6.78
CA VAL B 404 47.72 15.35 -6.66
C VAL B 404 49.15 15.13 -7.24
N GLU B 405 49.43 15.80 -8.36
CA GLU B 405 50.71 15.65 -9.04
C GLU B 405 51.91 16.32 -8.33
N ALA B 406 51.63 17.19 -7.37
CA ALA B 406 52.64 17.87 -6.59
C ALA B 406 52.96 17.12 -5.30
N ASP B 407 52.23 16.06 -4.98
CA ASP B 407 52.56 15.32 -3.79
C ASP B 407 53.42 14.10 -4.10
N GLU B 408 54.66 14.14 -3.62
CA GLU B 408 55.66 13.10 -3.89
C GLU B 408 55.25 11.73 -3.36
N ARG B 409 54.55 11.68 -2.24
CA ARG B 409 54.12 10.37 -1.73
C ARG B 409 52.95 9.79 -2.52
N ILE B 410 52.34 10.58 -3.41
CA ILE B 410 51.45 10.02 -4.41
C ILE B 410 52.24 9.67 -5.67
N THR B 411 52.95 10.66 -6.23
CA THR B 411 53.65 10.46 -7.49
C THR B 411 54.80 9.45 -7.38
N SER B 412 55.23 9.12 -6.16
CA SER B 412 56.16 7.99 -5.97
C SER B 412 55.48 6.63 -6.14
N LYS B 413 54.16 6.55 -5.99
CA LYS B 413 53.44 5.28 -6.06
C LYS B 413 52.64 5.13 -7.35
N LEU B 414 52.17 6.25 -7.90
CA LEU B 414 51.40 6.24 -9.13
C LEU B 414 52.23 6.79 -10.28
N THR B 415 52.23 6.08 -11.41
CA THR B 415 52.78 6.60 -12.65
C THR B 415 51.84 7.68 -13.18
N GLN B 416 52.36 8.52 -14.07
CA GLN B 416 51.52 9.52 -14.74
C GLN B 416 50.32 8.85 -15.44
N GLU B 417 50.57 7.75 -16.14
CA GLU B 417 49.49 6.95 -16.70
C GLU B 417 48.36 6.73 -15.70
N GLU B 418 48.72 6.23 -14.53
CA GLU B 418 47.75 5.85 -13.51
C GLU B 418 46.98 7.06 -12.99
N ILE B 419 47.71 8.12 -12.63
CA ILE B 419 47.08 9.38 -12.29
C ILE B 419 46.10 9.82 -13.40
N ASN B 420 46.53 9.73 -14.65
CA ASN B 420 45.68 10.11 -15.78
C ASN B 420 44.41 9.23 -15.90
N GLU B 421 44.54 7.94 -15.65
CA GLU B 421 43.39 7.02 -15.56
C GLU B 421 42.34 7.45 -14.50
N CYS B 422 42.80 7.90 -13.33
CA CYS B 422 41.89 8.32 -12.27
C CYS B 422 40.94 9.42 -12.70
N PHE B 423 41.40 10.25 -13.64
CA PHE B 423 40.70 11.45 -14.05
C PHE B 423 39.95 11.26 -15.37
N ASN B 424 39.73 10.00 -15.76
CA ASN B 424 38.95 9.68 -16.96
C ASN B 424 37.52 9.31 -16.57
N TYR B 425 36.53 10.02 -17.14
CA TYR B 425 35.15 9.67 -16.82
C TYR B 425 34.65 8.42 -17.52
N GLU B 426 35.27 8.03 -18.65
CA GLU B 426 34.83 6.83 -19.38
C GLU B 426 34.85 5.61 -18.46
N HIS B 427 35.81 5.54 -17.55
CA HIS B 427 35.80 4.50 -16.51
C HIS B 427 34.41 4.28 -15.88
N HIS B 428 33.65 5.37 -15.73
CA HIS B 428 32.38 5.34 -15.01
C HIS B 428 31.21 4.84 -15.85
N MET B 429 31.42 4.71 -17.17
CA MET B 429 30.39 4.16 -18.05
C MET B 429 30.52 2.66 -18.31
N GLN B 430 31.48 2.01 -17.65
CA GLN B 430 31.83 0.61 -17.93
C GLN B 430 30.68 -0.40 -17.68
N HIS B 431 29.67 -0.06 -16.88
CA HIS B 431 28.57 -1.00 -16.62
C HIS B 431 27.17 -0.51 -16.96
N VAL B 432 27.10 0.55 -17.77
CA VAL B 432 25.84 1.08 -18.21
C VAL B 432 25.11 0.03 -19.00
N ASP B 433 25.84 -0.63 -19.90
CA ASP B 433 25.27 -1.66 -20.67
C ASP B 433 24.85 -2.84 -19.80
N THR B 434 25.63 -3.18 -18.78
CA THR B 434 25.25 -4.37 -17.98
C THR B 434 23.94 -4.11 -17.19
N ILE B 435 23.79 -2.90 -16.70
CA ILE B 435 22.54 -2.51 -16.10
C ILE B 435 21.40 -2.52 -17.15
N PHE B 436 21.61 -1.91 -18.28
CA PHE B 436 20.55 -1.84 -19.29
C PHE B 436 20.09 -3.25 -19.69
N GLU B 437 21.02 -4.19 -19.84
CA GLU B 437 20.66 -5.57 -20.16
C GLU B 437 19.76 -6.18 -19.10
N ARG B 438 20.06 -5.97 -17.83
CA ARG B 438 19.17 -6.43 -16.75
C ARG B 438 17.79 -5.89 -16.83
N LEU B 439 17.71 -4.61 -17.12
CA LEU B 439 16.45 -3.94 -17.21
C LEU B 439 15.61 -4.35 -18.42
N GLY B 440 16.23 -5.01 -19.41
CA GLY B 440 15.58 -5.32 -20.67
C GLY B 440 15.66 -4.18 -21.66
N LEU B 441 16.52 -3.20 -21.40
CA LEU B 441 16.57 -2.02 -22.27
C LEU B 441 17.60 -2.11 -23.39
N ASN B 442 18.11 -3.29 -23.70
CA ASN B 442 19.15 -3.37 -24.75
C ASN B 442 18.67 -3.74 -26.14
N GLU B 443 19.45 -3.32 -27.14
CA GLU B 443 19.31 -3.74 -28.55
C GLU B 443 17.93 -3.53 -29.21
N ALA B 444 17.18 -2.51 -28.74
CA ALA B 444 15.76 -2.33 -29.13
C ALA B 444 14.89 -3.48 -28.57
C1 MLI C . -28.84 -0.47 4.17
C2 MLI C . -29.28 -0.63 5.62
C3 MLI C . -29.18 0.85 3.57
O6 MLI C . -28.97 -1.67 6.18
O7 MLI C . -30.00 0.27 6.32
O8 MLI C . -29.91 0.92 2.59
O9 MLI C . -28.64 1.94 4.08
C1 MLI D . 27.69 9.53 1.02
C2 MLI D . 27.69 9.72 2.51
C3 MLI D . 27.99 10.79 0.21
O6 MLI D . 28.32 8.95 3.24
O7 MLI D . 26.98 10.72 3.01
O8 MLI D . 27.72 10.77 -0.98
O9 MLI D . 28.54 11.93 0.71
C1 MLI E . 14.30 -13.86 13.99
C2 MLI E . 14.19 -15.36 13.72
C3 MLI E . 15.61 -13.59 14.67
O6 MLI E . 15.16 -16.16 13.77
O7 MLI E . 12.98 -15.82 13.39
O8 MLI E . 16.45 -12.89 14.13
O9 MLI E . 15.87 -14.16 15.87
#